data_7SXN
# 
_entry.id   7SXN 
# 
_audit_conform.dict_name       mmcif_pdbx.dic 
_audit_conform.dict_version    5.392 
_audit_conform.dict_location   http://mmcif.pdb.org/dictionaries/ascii/mmcif_pdbx.dic 
# 
loop_
_database_2.database_id 
_database_2.database_code 
_database_2.pdbx_database_accession 
_database_2.pdbx_DOI 
PDB   7SXN         pdb_00007sxn 10.2210/pdb7sxn/pdb 
WWPDB D_1000261300 ?            ?                   
# 
loop_
_pdbx_audit_revision_history.ordinal 
_pdbx_audit_revision_history.data_content_type 
_pdbx_audit_revision_history.major_revision 
_pdbx_audit_revision_history.minor_revision 
_pdbx_audit_revision_history.revision_date 
1 'Structure model' 1 0 2022-10-05 
2 'Structure model' 1 1 2022-10-26 
3 'Structure model' 1 2 2023-06-14 
4 'Structure model' 1 3 2024-05-22 
# 
_pdbx_audit_revision_details.ordinal             1 
_pdbx_audit_revision_details.revision_ordinal    1 
_pdbx_audit_revision_details.data_content_type   'Structure model' 
_pdbx_audit_revision_details.provider            repository 
_pdbx_audit_revision_details.type                'Initial release' 
_pdbx_audit_revision_details.description         ? 
_pdbx_audit_revision_details.details             ? 
# 
loop_
_pdbx_audit_revision_group.ordinal 
_pdbx_audit_revision_group.revision_ordinal 
_pdbx_audit_revision_group.data_content_type 
_pdbx_audit_revision_group.group 
1 2 'Structure model' 'Database references' 
2 3 'Structure model' 'Data collection'     
3 4 'Structure model' 'Data collection'     
# 
loop_
_pdbx_audit_revision_category.ordinal 
_pdbx_audit_revision_category.revision_ordinal 
_pdbx_audit_revision_category.data_content_type 
_pdbx_audit_revision_category.category 
1 2 'Structure model' citation                    
2 3 'Structure model' diffrn_radiation_wavelength 
3 3 'Structure model' diffrn_source               
4 4 'Structure model' chem_comp_atom              
5 4 'Structure model' chem_comp_bond              
# 
loop_
_pdbx_audit_revision_item.ordinal 
_pdbx_audit_revision_item.revision_ordinal 
_pdbx_audit_revision_item.data_content_type 
_pdbx_audit_revision_item.item 
1 2 'Structure model' '_citation.journal_volume'            
2 2 'Structure model' '_citation.title'                     
3 3 'Structure model' '_diffrn_source.pdbx_wavelength_list' 
4 3 'Structure model' '_diffrn_source.source'               
# 
_pdbx_database_status.status_code                     REL 
_pdbx_database_status.status_code_sf                  REL 
_pdbx_database_status.status_code_mr                  ? 
_pdbx_database_status.entry_id                        7SXN 
_pdbx_database_status.recvd_initial_deposition_date   2021-11-23 
_pdbx_database_status.SG_entry                        N 
_pdbx_database_status.deposit_site                    RCSB 
_pdbx_database_status.process_site                    RCSB 
_pdbx_database_status.status_code_cs                  ? 
_pdbx_database_status.status_code_nmr_data            ? 
_pdbx_database_status.methods_development_category    ? 
_pdbx_database_status.pdb_format_compatible           N 
# 
_pdbx_contact_author.id                 2 
_pdbx_contact_author.email              david@mbi.ucla.edu 
_pdbx_contact_author.name_first         David 
_pdbx_contact_author.name_last          Eisenberg 
_pdbx_contact_author.name_mi            S 
_pdbx_contact_author.role               'principal investigator/group leader' 
_pdbx_contact_author.identifier_ORCID   0000-0003-2432-5419 
# 
loop_
_audit_author.name 
_audit_author.pdbx_ordinal 
_audit_author.identifier_ORCID 
'Bowler, J.T.'    1 0000-0003-2428-3095 
'Sawaya, M.R.'    2 0000-0003-0874-9043 
'Boyer, D.R.'     3 0000-0002-4487-0230 
'Cascio, D.'      4 0000-0002-3877-6803 
'Eisenberg, D.S.' 5 0000-0003-2432-5419 
# 
_citation.abstract                  ? 
_citation.abstract_id_CAS           ? 
_citation.book_id_ISBN              ? 
_citation.book_publisher            ? 
_citation.book_publisher_city       ? 
_citation.book_title                ? 
_citation.coordinate_linkage        ? 
_citation.country                   US 
_citation.database_id_Medline       ? 
_citation.details                   ? 
_citation.id                        primary 
_citation.journal_abbrev            J.Biol.Chem. 
_citation.journal_id_ASTM           JBCHA3 
_citation.journal_id_CSD            0071 
_citation.journal_id_ISSN           1083-351X 
_citation.journal_full              ? 
_citation.journal_issue             ? 
_citation.journal_volume            298 
_citation.language                  ? 
_citation.page_first                102396 
_citation.page_last                 102396 
_citation.title                     
;Micro-electron diffraction structure of the aggregation-driving N terminus of Drosophila neuronal protein Orb2A reveals amyloid-like beta-sheets.
;
_citation.year                      2022 
_citation.database_id_CSD           ? 
_citation.pdbx_database_id_DOI      10.1016/j.jbc.2022.102396 
_citation.pdbx_database_id_PubMed   35988647 
_citation.pdbx_database_id_patent   ? 
_citation.unpublished_flag          ? 
# 
loop_
_citation_author.citation_id 
_citation_author.name 
_citation_author.ordinal 
_citation_author.identifier_ORCID 
primary 'Bowler, J.T.'    1 ? 
primary 'Sawaya, M.R.'    2 ? 
primary 'Boyer, D.R.'     3 ? 
primary 'Cascio, D.'      4 ? 
primary 'Bali, M.'        5 ? 
primary 'Eisenberg, D.S.' 6 ? 
# 
loop_
_entity.id 
_entity.type 
_entity.src_method 
_entity.pdbx_description 
_entity.formula_weight 
_entity.pdbx_number_of_molecules 
_entity.pdbx_ec 
_entity.pdbx_mutation 
_entity.pdbx_fragment 
_entity.details 
1 polymer syn 'Orb2A residues 1-9 MYNKFVNFI' 1176.406 1 ? ? ? ? 
2 water   nat water                          18.015   4 ? ? ? ? 
# 
_entity_poly.entity_id                      1 
_entity_poly.type                           'polypeptide(L)' 
_entity_poly.nstd_linkage                   no 
_entity_poly.nstd_monomer                   no 
_entity_poly.pdbx_seq_one_letter_code       MYNKFVNFI 
_entity_poly.pdbx_seq_one_letter_code_can   MYNKFVNFI 
_entity_poly.pdbx_strand_id                 AAA 
_entity_poly.pdbx_target_identifier         ? 
# 
_pdbx_entity_nonpoly.entity_id   2 
_pdbx_entity_nonpoly.name        water 
_pdbx_entity_nonpoly.comp_id     HOH 
# 
loop_
_entity_poly_seq.entity_id 
_entity_poly_seq.num 
_entity_poly_seq.mon_id 
_entity_poly_seq.hetero 
1 1 MET n 
1 2 TYR n 
1 3 ASN n 
1 4 LYS n 
1 5 PHE n 
1 6 VAL n 
1 7 ASN n 
1 8 PHE n 
1 9 ILE n 
# 
_pdbx_entity_src_syn.entity_id              1 
_pdbx_entity_src_syn.pdbx_src_id            1 
_pdbx_entity_src_syn.pdbx_alt_source_flag   sample 
_pdbx_entity_src_syn.pdbx_beg_seq_num       1 
_pdbx_entity_src_syn.pdbx_end_seq_num       9 
_pdbx_entity_src_syn.organism_scientific    'Drosophila melanogaster' 
_pdbx_entity_src_syn.organism_common_name   ? 
_pdbx_entity_src_syn.ncbi_taxonomy_id       7227 
_pdbx_entity_src_syn.details                ? 
# 
loop_
_chem_comp.id 
_chem_comp.type 
_chem_comp.mon_nstd_flag 
_chem_comp.name 
_chem_comp.pdbx_synonyms 
_chem_comp.formula 
_chem_comp.formula_weight 
ASN 'L-peptide linking' y ASPARAGINE    ? 'C4 H8 N2 O3'    132.118 
HOH non-polymer         . WATER         ? 'H2 O'           18.015  
ILE 'L-peptide linking' y ISOLEUCINE    ? 'C6 H13 N O2'    131.173 
LYS 'L-peptide linking' y LYSINE        ? 'C6 H15 N2 O2 1' 147.195 
MET 'L-peptide linking' y METHIONINE    ? 'C5 H11 N O2 S'  149.211 
PHE 'L-peptide linking' y PHENYLALANINE ? 'C9 H11 N O2'    165.189 
TYR 'L-peptide linking' y TYROSINE      ? 'C9 H11 N O3'    181.189 
VAL 'L-peptide linking' y VALINE        ? 'C5 H11 N O2'    117.146 
# 
loop_
_pdbx_poly_seq_scheme.asym_id 
_pdbx_poly_seq_scheme.entity_id 
_pdbx_poly_seq_scheme.seq_id 
_pdbx_poly_seq_scheme.mon_id 
_pdbx_poly_seq_scheme.ndb_seq_num 
_pdbx_poly_seq_scheme.pdb_seq_num 
_pdbx_poly_seq_scheme.auth_seq_num 
_pdbx_poly_seq_scheme.pdb_mon_id 
_pdbx_poly_seq_scheme.auth_mon_id 
_pdbx_poly_seq_scheme.pdb_strand_id 
_pdbx_poly_seq_scheme.pdb_ins_code 
_pdbx_poly_seq_scheme.hetero 
A 1 1 MET 1 1 1 MET MET AAA . n 
A 1 2 TYR 2 2 2 TYR TYR AAA . n 
A 1 3 ASN 3 3 3 ASN ASN AAA . n 
A 1 4 LYS 4 4 4 LYS LYS AAA . n 
A 1 5 PHE 5 5 5 PHE PHE AAA . n 
A 1 6 VAL 6 6 6 VAL VAL AAA . n 
A 1 7 ASN 7 7 7 ASN ASN AAA . n 
A 1 8 PHE 8 8 8 PHE PHE AAA . n 
A 1 9 ILE 9 9 9 ILE ILE AAA . n 
# 
loop_
_pdbx_nonpoly_scheme.asym_id 
_pdbx_nonpoly_scheme.entity_id 
_pdbx_nonpoly_scheme.mon_id 
_pdbx_nonpoly_scheme.ndb_seq_num 
_pdbx_nonpoly_scheme.pdb_seq_num 
_pdbx_nonpoly_scheme.auth_seq_num 
_pdbx_nonpoly_scheme.pdb_mon_id 
_pdbx_nonpoly_scheme.auth_mon_id 
_pdbx_nonpoly_scheme.pdb_strand_id 
_pdbx_nonpoly_scheme.pdb_ins_code 
B 2 HOH 1 101 4 HOH HOH AAA . 
B 2 HOH 2 102 2 HOH HOH AAA . 
B 2 HOH 3 103 3 HOH HOH AAA . 
B 2 HOH 4 104 1 HOH HOH AAA . 
# 
loop_
_software.citation_id 
_software.classification 
_software.compiler_name 
_software.compiler_version 
_software.contact_author 
_software.contact_author_email 
_software.date 
_software.description 
_software.dependencies 
_software.hardware 
_software.language 
_software.location 
_software.mods 
_software.name 
_software.os 
_software.os_version 
_software.type 
_software.version 
_software.pdbx_ordinal 
? 'data reduction'  ? ? 'Wolfgang Kabsch'    Wolfgang.Kabsch@mpimf-heidelberg.mpg.de ?               ? ? ? ?          
http://www.mpimf-heidelberg.mpg.de/~kabsch/xds/                             ? XDS         ? ? package .        1 
? 'data scaling'    ? ? 'Wolfgang Kabsch'    ?                                       ?               ? ? ? ?          
http://www.mpimf-heidelberg.mpg.de/~kabsch/xds/html_doc/xscale_program.html ? XSCALE      ? ? package .        2 
? refinement        ? ? 'Garib N. Murshudov' garib@ysbl.york.ac.uk                   ?               ? ? ? Fortran_77 
http://www.ccp4.ac.uk/dist/html/refmac5.html                                ? REFMAC      ? ? program 5.8.0267 3 
? 'data extraction' ? ? PDB                  deposit@deposit.rcsb.org                'Oct. 31, 2020' ? ? ? C++        
http://sw-tools.pdb.org/apps/PDB_EXTRACT/                                   ? PDB_EXTRACT ? ? package 3.27     4 
# 
_cell.angle_alpha                  90.000 
_cell.angle_alpha_esd              ? 
_cell.angle_beta                   92.001 
_cell.angle_beta_esd               ? 
_cell.angle_gamma                  90.000 
_cell.angle_gamma_esd              ? 
_cell.entry_id                     7SXN 
_cell.details                      ? 
_cell.formula_units_Z              ? 
_cell.length_a                     4.830 
_cell.length_a_esd                 ? 
_cell.length_b                     23.100 
_cell.length_b_esd                 ? 
_cell.length_c                     29.840 
_cell.length_c_esd                 ? 
_cell.volume                       ? 
_cell.volume_esd                   ? 
_cell.Z_PDB                        2 
_cell.reciprocal_angle_alpha       ? 
_cell.reciprocal_angle_beta        ? 
_cell.reciprocal_angle_gamma       ? 
_cell.reciprocal_angle_alpha_esd   ? 
_cell.reciprocal_angle_beta_esd    ? 
_cell.reciprocal_angle_gamma_esd   ? 
_cell.reciprocal_length_a          ? 
_cell.reciprocal_length_b          ? 
_cell.reciprocal_length_c          ? 
_cell.reciprocal_length_a_esd      ? 
_cell.reciprocal_length_b_esd      ? 
_cell.reciprocal_length_c_esd      ? 
_cell.pdbx_unique_axis             ? 
# 
_symmetry.entry_id                         7SXN 
_symmetry.cell_setting                     ? 
_symmetry.Int_Tables_number                4 
_symmetry.space_group_name_Hall            ? 
_symmetry.space_group_name_H-M             'P 1 21 1' 
_symmetry.pdbx_full_space_group_name_H-M   ? 
# 
_exptl.absorpt_coefficient_mu     ? 
_exptl.absorpt_correction_T_max   ? 
_exptl.absorpt_correction_T_min   ? 
_exptl.absorpt_correction_type    ? 
_exptl.absorpt_process_details    ? 
_exptl.entry_id                   7SXN 
_exptl.crystals_number            ? 
_exptl.details                    ? 
_exptl.method                     'ELECTRON CRYSTALLOGRAPHY' 
_exptl.method_details             ? 
# 
_exptl_crystal.id                    1 
_exptl_crystal.density_meas          ? 
_exptl_crystal.density_Matthews      ? 
_exptl_crystal.density_percent_sol   ? 
_exptl_crystal.description           ? 
_exptl_crystal.preparation           ? 
# 
_diffrn.ambient_environment              ? 
_diffrn.ambient_pressure                 ? 
_diffrn.ambient_pressure_esd             ? 
_diffrn.ambient_pressure_gt              ? 
_diffrn.ambient_pressure_lt              ? 
_diffrn.ambient_temp                     ? 
_diffrn.ambient_temp_details             ? 
_diffrn.ambient_temp_esd                 ? 
_diffrn.ambient_temp_gt                  ? 
_diffrn.ambient_temp_lt                  ? 
_diffrn.crystal_id                       1 
_diffrn.crystal_support                  ? 
_diffrn.crystal_treatment                ? 
_diffrn.details                          ? 
_diffrn.id                               1 
_diffrn.pdbx_serial_crystal_experiment   ? 
# 
_diffrn_detector.area_resol_mean              ? 
_diffrn_detector.details                      ? 
_diffrn_detector.detector                     ? 
_diffrn_detector.diffrn_id                    1 
_diffrn_detector.dtime                        ? 
_diffrn_detector.pdbx_collection_date         2018-10-17 
_diffrn_detector.pdbx_collection_time_total   ? 
_diffrn_detector.pdbx_frames_total            ? 
_diffrn_detector.pdbx_frequency               ? 
_diffrn_detector.type                         ? 
# 
_diffrn_radiation_wavelength.id           1 
_diffrn_radiation_wavelength.wavelength   0.0251 
_diffrn_radiation_wavelength.wt           1.0 
# 
_diffrn_source.current                     ? 
_diffrn_source.details                     ? 
_diffrn_source.diffrn_id                   1 
_diffrn_source.pdbx_synchrotron_beamline   ? 
_diffrn_source.pdbx_synchrotron_site       ? 
_diffrn_source.pdbx_wavelength             ? 
_diffrn_source.pdbx_wavelength_list        0.0251 
_diffrn_source.power                       ? 
_diffrn_source.size                        ? 
_diffrn_source.source                      'ELECTRON MICROSCOPE' 
_diffrn_source.take-off_angle              ? 
_diffrn_source.target                      ? 
_diffrn_source.type                        ? 
_diffrn_source.voltage                     ? 
# 
_reflns.B_iso_Wilson_estimate                          12.406 
_reflns.entry_id                                       7SXN 
_reflns.data_reduction_details                         ? 
_reflns.data_reduction_method                          ? 
_reflns.d_resolution_high                              1.050 
_reflns.d_resolution_low                               18.262 
_reflns.details                                        ? 
_reflns.limit_h_max                                    ? 
_reflns.limit_h_min                                    ? 
_reflns.limit_k_max                                    ? 
_reflns.limit_k_min                                    ? 
_reflns.limit_l_max                                    ? 
_reflns.limit_l_min                                    ? 
_reflns.number_all                                     ? 
_reflns.number_obs                                     2596 
_reflns.observed_criterion                             ? 
_reflns.observed_criterion_F_max                       ? 
_reflns.observed_criterion_F_min                       ? 
_reflns.observed_criterion_I_max                       ? 
_reflns.observed_criterion_I_min                       ? 
_reflns.observed_criterion_sigma_F                     ? 
_reflns.observed_criterion_sigma_I                     ? 
_reflns.percent_possible_obs                           83.300 
_reflns.R_free_details                                 ? 
_reflns.Rmerge_F_all                                   ? 
_reflns.Rmerge_F_obs                                   ? 
_reflns.Friedel_coverage                               ? 
_reflns.number_gt                                      ? 
_reflns.threshold_expression                           ? 
_reflns.pdbx_redundancy                                13.873 
_reflns.pdbx_Rmerge_I_obs                              0.156 
_reflns.pdbx_Rmerge_I_all                              ? 
_reflns.pdbx_Rsym_value                                ? 
_reflns.pdbx_netI_over_av_sigmaI                       ? 
_reflns.pdbx_netI_over_sigmaI                          8.240 
_reflns.pdbx_res_netI_over_av_sigmaI_2                 ? 
_reflns.pdbx_res_netI_over_sigmaI_2                    ? 
_reflns.pdbx_chi_squared                               0.835 
_reflns.pdbx_scaling_rejects                           59 
_reflns.pdbx_d_res_high_opt                            ? 
_reflns.pdbx_d_res_low_opt                             ? 
_reflns.pdbx_d_res_opt_method                          ? 
_reflns.phase_calculation_details                      ? 
_reflns.pdbx_Rrim_I_all                                0.161 
_reflns.pdbx_Rpim_I_all                                ? 
_reflns.pdbx_d_opt                                     ? 
_reflns.pdbx_number_measured_all                       36014 
_reflns.pdbx_diffrn_id                                 1 
_reflns.pdbx_ordinal                                   1 
_reflns.pdbx_CC_half                                   0.994 
_reflns.pdbx_CC_star                                   ? 
_reflns.pdbx_R_split                                   ? 
_reflns.pdbx_aniso_diffraction_limit_axis_1_ortho[1]   ? 
_reflns.pdbx_aniso_diffraction_limit_axis_1_ortho[2]   ? 
_reflns.pdbx_aniso_diffraction_limit_axis_1_ortho[3]   ? 
_reflns.pdbx_aniso_diffraction_limit_axis_2_ortho[1]   ? 
_reflns.pdbx_aniso_diffraction_limit_axis_2_ortho[2]   ? 
_reflns.pdbx_aniso_diffraction_limit_axis_2_ortho[3]   ? 
_reflns.pdbx_aniso_diffraction_limit_axis_3_ortho[1]   ? 
_reflns.pdbx_aniso_diffraction_limit_axis_3_ortho[2]   ? 
_reflns.pdbx_aniso_diffraction_limit_axis_3_ortho[3]   ? 
_reflns.pdbx_aniso_diffraction_limit_1                 ? 
_reflns.pdbx_aniso_diffraction_limit_2                 ? 
_reflns.pdbx_aniso_diffraction_limit_3                 ? 
_reflns.pdbx_aniso_B_tensor_eigenvector_1_ortho[1]     ? 
_reflns.pdbx_aniso_B_tensor_eigenvector_1_ortho[2]     ? 
_reflns.pdbx_aniso_B_tensor_eigenvector_1_ortho[3]     ? 
_reflns.pdbx_aniso_B_tensor_eigenvector_2_ortho[1]     ? 
_reflns.pdbx_aniso_B_tensor_eigenvector_2_ortho[2]     ? 
_reflns.pdbx_aniso_B_tensor_eigenvector_2_ortho[3]     ? 
_reflns.pdbx_aniso_B_tensor_eigenvector_3_ortho[1]     ? 
_reflns.pdbx_aniso_B_tensor_eigenvector_3_ortho[2]     ? 
_reflns.pdbx_aniso_B_tensor_eigenvector_3_ortho[3]     ? 
_reflns.pdbx_aniso_B_tensor_eigenvalue_1               ? 
_reflns.pdbx_aniso_B_tensor_eigenvalue_2               ? 
_reflns.pdbx_aniso_B_tensor_eigenvalue_3               ? 
_reflns.pdbx_orthogonalization_convention              ? 
_reflns.pdbx_percent_possible_ellipsoidal              ? 
_reflns.pdbx_percent_possible_spherical                ? 
_reflns.pdbx_percent_possible_ellipsoidal_anomalous    ? 
_reflns.pdbx_percent_possible_spherical_anomalous      ? 
_reflns.pdbx_redundancy_anomalous                      ? 
_reflns.pdbx_CC_half_anomalous                         ? 
_reflns.pdbx_absDiff_over_sigma_anomalous              ? 
_reflns.pdbx_percent_possible_anomalous                ? 
_reflns.pdbx_observed_signal_threshold                 ? 
_reflns.pdbx_signal_type                               ? 
_reflns.pdbx_signal_details                            ? 
_reflns.pdbx_signal_software_id                        ? 
# 
loop_
_reflns_shell.d_res_high 
_reflns_shell.d_res_low 
_reflns_shell.meanI_over_sigI_all 
_reflns_shell.meanI_over_sigI_obs 
_reflns_shell.number_measured_all 
_reflns_shell.number_measured_obs 
_reflns_shell.number_possible 
_reflns_shell.number_unique_all 
_reflns_shell.number_unique_obs 
_reflns_shell.percent_possible_all 
_reflns_shell.percent_possible_obs 
_reflns_shell.Rmerge_F_all 
_reflns_shell.Rmerge_F_obs 
_reflns_shell.Rmerge_I_all 
_reflns_shell.Rmerge_I_obs 
_reflns_shell.meanI_over_sigI_gt 
_reflns_shell.meanI_over_uI_all 
_reflns_shell.meanI_over_uI_gt 
_reflns_shell.number_measured_gt 
_reflns_shell.number_unique_gt 
_reflns_shell.percent_possible_gt 
_reflns_shell.Rmerge_F_gt 
_reflns_shell.Rmerge_I_gt 
_reflns_shell.pdbx_redundancy 
_reflns_shell.pdbx_Rsym_value 
_reflns_shell.pdbx_chi_squared 
_reflns_shell.pdbx_netI_over_sigmaI_all 
_reflns_shell.pdbx_netI_over_sigmaI_obs 
_reflns_shell.pdbx_Rrim_I_all 
_reflns_shell.pdbx_Rpim_I_all 
_reflns_shell.pdbx_rejects 
_reflns_shell.pdbx_ordinal 
_reflns_shell.pdbx_diffrn_id 
_reflns_shell.pdbx_CC_half 
_reflns_shell.pdbx_CC_star 
_reflns_shell.pdbx_R_split 
_reflns_shell.pdbx_percent_possible_ellipsoidal 
_reflns_shell.pdbx_percent_possible_spherical 
_reflns_shell.pdbx_percent_possible_ellipsoidal_anomalous 
_reflns_shell.pdbx_percent_possible_spherical_anomalous 
_reflns_shell.pdbx_redundancy_anomalous 
_reflns_shell.pdbx_CC_half_anomalous 
_reflns_shell.pdbx_absDiff_over_sigma_anomalous 
_reflns_shell.pdbx_percent_possible_anomalous 
1.050 1.080  ? 1.790  ? 1101 219 ? 153 69.900 ? ? ? ? 0.712 ? ? ? ? ? ? ? ? 7.196  ? ? ? ? 0.776 ? ? 1  1 0.572 ? ? ? ? ? ? ? ? ? 
? 
1.080 1.110  ? 2.290  ? 1266 219 ? 157 71.700 ? ? ? ? 0.590 ? ? ? ? ? ? ? ? 8.064  ? ? ? ? 0.632 ? ? 2  1 0.785 ? ? ? ? ? ? ? ? ? 
? 
1.110 1.140  ? 3.680  ? 2084 227 ? 181 79.700 ? ? ? ? 0.473 ? ? ? ? ? ? ? ? 11.514 ? ? ? ? 0.493 ? ? 3  1 0.902 ? ? ? ? ? ? ? ? ? 
? 
1.140 1.170  ? 4.690  ? 2667 227 ? 185 81.500 ? ? ? ? 0.439 ? ? ? ? ? ? ? ? 14.416 ? ? ? ? 0.456 ? ? 4  1 0.824 ? ? ? ? ? ? ? ? ? 
? 
1.170 1.210  ? 5.130  ? 3031 221 ? 196 88.700 ? ? ? ? 0.423 ? ? ? ? ? ? ? ? 15.464 ? ? ? ? 0.438 ? ? 5  1 0.863 ? ? ? ? ? ? ? ? ? 
? 
1.210 1.260  ? 4.730  ? 2019 180 ? 154 85.600 ? ? ? ? 0.431 ? ? ? ? ? ? ? ? 13.110 ? ? ? ? 0.449 ? ? 6  1 0.856 ? ? ? ? ? ? ? ? ? 
? 
1.260 1.300  ? 5.270  ? 1999 181 ? 156 86.200 ? ? ? ? 0.362 ? ? ? ? ? ? ? ? 12.814 ? ? ? ? 0.379 ? ? 7  1 0.950 ? ? ? ? ? ? ? ? ? 
? 
1.300 1.360  ? 6.080  ? 2017 169 ? 147 87.000 ? ? ? ? 0.343 ? ? ? ? ? ? ? ? 13.721 ? ? ? ? 0.357 ? ? 8  1 0.972 ? ? ? ? ? ? ? ? ? 
? 
1.360 1.420  ? 6.880  ? 2367 173 ? 153 88.400 ? ? ? ? 0.332 ? ? ? ? ? ? ? ? 15.471 ? ? ? ? 0.343 ? ? 9  1 0.919 ? ? ? ? ? ? ? ? ? 
? 
1.420 1.480  ? 8.770  ? 2757 179 ? 157 87.700 ? ? ? ? 0.313 ? ? ? ? ? ? ? ? 17.561 ? ? ? ? 0.323 ? ? 10 1 0.892 ? ? ? ? ? ? ? ? ? 
? 
1.480 1.570  ? 11.580 ? 2981 181 ? 161 89.000 ? ? ? ? 0.210 ? ? ? ? ? ? ? ? 18.516 ? ? ? ? 0.216 ? ? 11 1 0.983 ? ? ? ? ? ? ? ? ? 
? 
1.570 1.660  ? 11.960 ? 2152 156 ? 133 85.300 ? ? ? ? 0.195 ? ? ? ? ? ? ? ? 16.180 ? ? ? ? 0.202 ? ? 12 1 0.958 ? ? ? ? ? ? ? ? ? 
? 
1.660 1.770  ? 10.870 ? 1383 131 ? 111 84.700 ? ? ? ? 0.211 ? ? ? ? ? ? ? ? 12.459 ? ? ? ? 0.221 ? ? 13 1 0.979 ? ? ? ? ? ? ? ? ? 
? 
1.770 1.920  ? 12.490 ? 1312 117 ? 101 86.300 ? ? ? ? 0.196 ? ? ? ? ? ? ? ? 12.990 ? ? ? ? 0.205 ? ? 14 1 0.969 ? ? ? ? ? ? ? ? ? 
? 
1.920 2.100  ? 14.980 ? 1686 133 ? 115 86.500 ? ? ? ? 0.172 ? ? ? ? ? ? ? ? 14.661 ? ? ? ? 0.179 ? ? 15 1 0.985 ? ? ? ? ? ? ? ? ? 
? 
2.100 2.350  ? 17.640 ? 2000 125 ? 108 86.400 ? ? ? ? 0.162 ? ? ? ? ? ? ? ? 18.519 ? ? ? ? 0.168 ? ? 16 1 0.971 ? ? ? ? ? ? ? ? ? 
? 
2.350 2.710  ? 16.100 ? 1055 93  ? 74  79.600 ? ? ? ? 0.148 ? ? ? ? ? ? ? ? 14.257 ? ? ? ? 0.153 ? ? 17 1 0.992 ? ? ? ? ? ? ? ? ? 
? 
2.710 3.320  ? 15.740 ? 781  76  ? 62  81.600 ? ? ? ? 0.120 ? ? ? ? ? ? ? ? 12.597 ? ? ? ? 0.125 ? ? 18 1 0.986 ? ? ? ? ? ? ? ? ? 
? 
3.320 4.700  ? 18.660 ? 1142 80  ? 72  90.000 ? ? ? ? 0.097 ? ? ? ? ? ? ? ? 15.861 ? ? ? ? 0.101 ? ? 19 1 0.991 ? ? ? ? ? ? ? ? ? 
? 
4.700 18.262 ? 14.480 ? 214  31  ? 20  64.500 ? ? ? ? 0.147 ? ? ? ? ? ? ? ? 10.700 ? ? ? ? 0.151 ? ? 20 1 0.993 ? ? ? ? ? ? ? ? ? 
? 
# 
_refine.aniso_B[1][1]                            0.579 
_refine.aniso_B[1][2]                            -0.000 
_refine.aniso_B[1][3]                            0.131 
_refine.aniso_B[2][2]                            -0.410 
_refine.aniso_B[2][3]                            0.000 
_refine.aniso_B[3][3]                            -0.178 
_refine.B_iso_max                                ? 
_refine.B_iso_mean                               10.716 
_refine.B_iso_min                                ? 
_refine.correlation_coeff_Fo_to_Fc               0.972 
_refine.correlation_coeff_Fo_to_Fc_free          0.970 
_refine.details                                  'Hydrogens have been used if present in the input file' 
_refine.diff_density_max                         ? 
_refine.diff_density_max_esd                     ? 
_refine.diff_density_min                         ? 
_refine.diff_density_min_esd                     ? 
_refine.diff_density_rms                         ? 
_refine.diff_density_rms_esd                     ? 
_refine.entry_id                                 7SXN 
_refine.pdbx_refine_id                           'ELECTRON CRYSTALLOGRAPHY' 
_refine.ls_abs_structure_details                 ? 
_refine.ls_abs_structure_Flack                   ? 
_refine.ls_abs_structure_Flack_esd               ? 
_refine.ls_abs_structure_Rogers                  ? 
_refine.ls_abs_structure_Rogers_esd              ? 
_refine.ls_d_res_high                            1.050 
_refine.ls_d_res_low                             18.262 
_refine.ls_extinction_coef                       ? 
_refine.ls_extinction_coef_esd                   ? 
_refine.ls_extinction_expression                 ? 
_refine.ls_extinction_method                     ? 
_refine.ls_goodness_of_fit_all                   ? 
_refine.ls_goodness_of_fit_all_esd               ? 
_refine.ls_goodness_of_fit_obs                   ? 
_refine.ls_goodness_of_fit_obs_esd               ? 
_refine.ls_hydrogen_treatment                    ? 
_refine.ls_matrix_type                           ? 
_refine.ls_number_constraints                    ? 
_refine.ls_number_parameters                     ? 
_refine.ls_number_reflns_all                     ? 
_refine.ls_number_reflns_obs                     2596 
_refine.ls_number_reflns_R_free                  260 
_refine.ls_number_reflns_R_work                  2336 
_refine.ls_number_restraints                     ? 
_refine.ls_percent_reflns_obs                    83.258 
_refine.ls_percent_reflns_R_free                 10.015 
_refine.ls_R_factor_all                          0.183 
_refine.ls_R_factor_obs                          ? 
_refine.ls_R_factor_R_free                       0.2010 
_refine.ls_R_factor_R_free_error                 ? 
_refine.ls_R_factor_R_free_error_details         ? 
_refine.ls_R_factor_R_work                       0.1809 
_refine.ls_R_Fsqd_factor_obs                     ? 
_refine.ls_R_I_factor_obs                        ? 
_refine.ls_redundancy_reflns_all                 ? 
_refine.ls_redundancy_reflns_obs                 ? 
_refine.ls_restrained_S_all                      ? 
_refine.ls_restrained_S_obs                      ? 
_refine.ls_shift_over_esd_max                    ? 
_refine.ls_shift_over_esd_mean                   ? 
_refine.ls_structure_factor_coef                 ? 
_refine.ls_weighting_details                     ? 
_refine.ls_weighting_scheme                      ? 
_refine.ls_wR_factor_all                         ? 
_refine.ls_wR_factor_obs                         ? 
_refine.ls_wR_factor_R_free                      ? 
_refine.ls_wR_factor_R_work                      ? 
_refine.occupancy_max                            ? 
_refine.occupancy_min                            ? 
_refine.solvent_model_details                    'MASK BULK SOLVENT' 
_refine.solvent_model_param_bsol                 ? 
_refine.solvent_model_param_ksol                 ? 
_refine.pdbx_R_complete                          ? 
_refine.ls_R_factor_gt                           ? 
_refine.ls_goodness_of_fit_gt                    ? 
_refine.ls_goodness_of_fit_ref                   ? 
_refine.ls_shift_over_su_max                     ? 
_refine.ls_shift_over_su_max_lt                  ? 
_refine.ls_shift_over_su_mean                    ? 
_refine.ls_shift_over_su_mean_lt                 ? 
_refine.pdbx_ls_sigma_I                          ? 
_refine.pdbx_ls_sigma_F                          ? 
_refine.pdbx_ls_sigma_Fsqd                       ? 
_refine.pdbx_data_cutoff_high_absF               ? 
_refine.pdbx_data_cutoff_high_rms_absF           ? 
_refine.pdbx_data_cutoff_low_absF                ? 
_refine.pdbx_isotropic_thermal_model             ? 
_refine.pdbx_ls_cross_valid_method               'FREE R-VALUE' 
_refine.pdbx_method_to_determine_struct          ? 
_refine.pdbx_starting_model                      ? 
_refine.pdbx_stereochemistry_target_values       ? 
_refine.pdbx_R_Free_selection_details            ? 
_refine.pdbx_stereochem_target_val_spec_case     ? 
_refine.pdbx_overall_ESU_R                       0.050 
_refine.pdbx_overall_ESU_R_Free                  0.045 
_refine.pdbx_solvent_vdw_probe_radii             1.200 
_refine.pdbx_solvent_ion_probe_radii             0.800 
_refine.pdbx_solvent_shrinkage_radii             0.800 
_refine.pdbx_real_space_R                        ? 
_refine.pdbx_density_correlation                 ? 
_refine.pdbx_pd_number_of_powder_patterns        ? 
_refine.pdbx_pd_number_of_points                 ? 
_refine.pdbx_pd_meas_number_of_points            ? 
_refine.pdbx_pd_proc_ls_prof_R_factor            ? 
_refine.pdbx_pd_proc_ls_prof_wR_factor           ? 
_refine.pdbx_pd_Marquardt_correlation_coeff      ? 
_refine.pdbx_pd_Fsqrd_R_factor                   ? 
_refine.pdbx_pd_ls_matrix_band_width             ? 
_refine.pdbx_overall_phase_error                 ? 
_refine.pdbx_overall_SU_R_free_Cruickshank_DPI   ? 
_refine.pdbx_overall_SU_R_free_Blow_DPI          ? 
_refine.pdbx_overall_SU_R_Blow_DPI               ? 
_refine.pdbx_TLS_residual_ADP_flag               ? 
_refine.pdbx_diffrn_id                           1 
_refine.overall_SU_B                             2.226 
_refine.overall_SU_ML                            0.046 
_refine.overall_SU_R_Cruickshank_DPI             ? 
_refine.overall_SU_R_free                        ? 
_refine.overall_FOM_free_R_set                   ? 
_refine.overall_FOM_work_R_set                   ? 
_refine.pdbx_average_fsc_overall                 ? 
_refine.pdbx_average_fsc_work                    ? 
_refine.pdbx_average_fsc_free                    ? 
# 
loop_
_refine_ls_restr.pdbx_refine_id 
_refine_ls_restr.criterion 
_refine_ls_restr.dev_ideal 
_refine_ls_restr.dev_ideal_target 
_refine_ls_restr.number 
_refine_ls_restr.rejects 
_refine_ls_restr.type 
_refine_ls_restr.weight 
_refine_ls_restr.pdbx_restraint_function 
'ELECTRON CRYSTALLOGRAPHY' ? 0.015  0.012  85  ? r_bond_refined_d               ? ? 
'ELECTRON CRYSTALLOGRAPHY' ? 0.003  0.018  82  ? r_bond_other_d                 ? ? 
'ELECTRON CRYSTALLOGRAPHY' ? 1.843  1.654  113 ? r_angle_refined_deg            ? ? 
'ELECTRON CRYSTALLOGRAPHY' ? 0.638  1.603  185 ? r_angle_other_deg              ? ? 
'ELECTRON CRYSTALLOGRAPHY' ? 6.544  5.000  8   ? r_dihedral_angle_1_deg         ? ? 
'ELECTRON CRYSTALLOGRAPHY' ? 47.531 24.000 5   ? r_dihedral_angle_2_deg         ? ? 
'ELECTRON CRYSTALLOGRAPHY' ? 15.062 15.000 15  ? r_dihedral_angle_3_deg         ? ? 
'ELECTRON CRYSTALLOGRAPHY' ? 0.108  0.200  10  ? r_chiral_restr                 ? ? 
'ELECTRON CRYSTALLOGRAPHY' ? 0.011  0.020  98  ? r_gen_planes_refined           ? ? 
'ELECTRON CRYSTALLOGRAPHY' ? 0.002  0.020  26  ? r_gen_planes_other             ? ? 
'ELECTRON CRYSTALLOGRAPHY' ? 0.138  0.200  8   ? r_nbd_refined                  ? ? 
'ELECTRON CRYSTALLOGRAPHY' ? 0.191  0.200  52  ? r_symmetry_nbd_other           ? ? 
'ELECTRON CRYSTALLOGRAPHY' ? 0.194  0.200  39  ? r_nbtor_refined                ? ? 
'ELECTRON CRYSTALLOGRAPHY' ? 0.079  0.200  44  ? r_symmetry_nbtor_other         ? ? 
'ELECTRON CRYSTALLOGRAPHY' ? 0.254  0.200  1   ? r_xyhbond_nbd_refined          ? ? 
'ELECTRON CRYSTALLOGRAPHY' ? 0.051  0.200  5   ? r_symmetry_nbd_refined         ? ? 
'ELECTRON CRYSTALLOGRAPHY' ? 0.234  0.200  19  ? r_nbd_other                    ? ? 
'ELECTRON CRYSTALLOGRAPHY' ? 0.356  0.200  1   ? r_symmetry_xyhbond_nbd_refined ? ? 
'ELECTRON CRYSTALLOGRAPHY' ? 2.543  0.770  35  ? r_mcbond_it                    ? ? 
'ELECTRON CRYSTALLOGRAPHY' ? 2.104  0.734  34  ? r_mcbond_other                 ? ? 
'ELECTRON CRYSTALLOGRAPHY' ? 2.346  1.161  40  ? r_mcangle_it                   ? ? 
'ELECTRON CRYSTALLOGRAPHY' ? 2.345  1.171  41  ? r_mcangle_other                ? ? 
'ELECTRON CRYSTALLOGRAPHY' ? 3.036  0.996  50  ? r_scbond_it                    ? ? 
'ELECTRON CRYSTALLOGRAPHY' ? 3.037  0.979  50  ? r_scbond_other                 ? ? 
'ELECTRON CRYSTALLOGRAPHY' ? 2.536  1.371  70  ? r_scangle_it                   ? ? 
'ELECTRON CRYSTALLOGRAPHY' ? 2.518  1.373  71  ? r_scangle_other                ? ? 
'ELECTRON CRYSTALLOGRAPHY' ? 3.303  8.661  82  ? r_lrange_it                    ? ? 
'ELECTRON CRYSTALLOGRAPHY' ? 3.298  8.765  83  ? r_lrange_other                 ? ? 
'ELECTRON CRYSTALLOGRAPHY' ? 9.469  3.000  167 ? r_rigid_bond_restr             ? ? 
# 
loop_
_refine_ls_shell.pdbx_refine_id 
_refine_ls_shell.d_res_high 
_refine_ls_shell.d_res_low 
_refine_ls_shell.number_reflns_all 
_refine_ls_shell.number_reflns_obs 
_refine_ls_shell.number_reflns_R_free 
_refine_ls_shell.number_reflns_R_work 
_refine_ls_shell.percent_reflns_obs 
_refine_ls_shell.percent_reflns_R_free 
_refine_ls_shell.R_factor_all 
_refine_ls_shell.R_factor_obs 
_refine_ls_shell.R_factor_R_free 
_refine_ls_shell.R_factor_R_free_error 
_refine_ls_shell.R_factor_R_work 
_refine_ls_shell.redundancy_reflns_all 
_refine_ls_shell.redundancy_reflns_obs 
_refine_ls_shell.wR_factor_all 
_refine_ls_shell.wR_factor_obs 
_refine_ls_shell.wR_factor_R_free 
_refine_ls_shell.wR_factor_R_work 
_refine_ls_shell.pdbx_R_complete 
_refine_ls_shell.pdbx_total_number_of_bins_used 
_refine_ls_shell.pdbx_phase_error 
_refine_ls_shell.pdbx_fsc_work 
_refine_ls_shell.pdbx_fsc_free 
'ELECTRON CRYSTALLOGRAPHY' 1.050 1.173  890 . 67 607 75.7303 . 0.240 . 0.303 . 0.233 . . . . . 0.192 . 5 . 0.908 0.882 
'ELECTRON CRYSTALLOGRAPHY' 1.173 1.354  750 . 66 587 87.0667 . 0.204 . 0.240 . 0.200 . . . . . 0.175 . 5 . 0.911 0.875 
'ELECTRON CRYSTALLOGRAPHY' 1.354 1.656  686 . 60 541 87.6093 . 0.185 . 0.243 . 0.178 . . . . . 0.171 . 5 . 0.939 0.914 
'ELECTRON CRYSTALLOGRAPHY' 1.656 2.332  508 . 43 393 85.8268 . 0.192 . 0.214 . 0.190 . . . . . 0.214 . 5 . 0.942 0.942 
'ELECTRON CRYSTALLOGRAPHY' 2.332 18.262 283 . 24 208 81.9788 . 0.145 . 0.133 . 0.147 . . . . . 0.172 . 5 . 0.974 0.979 
# 
_struct.entry_id                     7SXN 
_struct.title                        'Orb2A residues 1-9 MYNKFVNFI' 
_struct.pdbx_model_details           ? 
_struct.pdbx_formula_weight          ? 
_struct.pdbx_formula_weight_method   ? 
_struct.pdbx_model_type_details      ? 
_struct.pdbx_CASP_flag               N 
# 
_struct_keywords.entry_id        7SXN 
_struct_keywords.text            'amyloid, long-term memory, micro-ED, Orb2A, PROTEIN FIBRIL' 
_struct_keywords.pdbx_keywords   'PROTEIN FIBRIL' 
# 
loop_
_struct_asym.id 
_struct_asym.pdbx_blank_PDB_chainid_flag 
_struct_asym.pdbx_modified 
_struct_asym.entity_id 
_struct_asym.details 
A N N 1 ? 
B N N 2 ? 
# 
_struct_ref.id                         1 
_struct_ref.db_name                    PDB 
_struct_ref.db_code                    7SXN 
_struct_ref.pdbx_db_accession          7SXN 
_struct_ref.pdbx_db_isoform            ? 
_struct_ref.entity_id                  1 
_struct_ref.pdbx_seq_one_letter_code   ? 
_struct_ref.pdbx_align_begin           1 
# 
_struct_ref_seq.align_id                      1 
_struct_ref_seq.ref_id                        1 
_struct_ref_seq.pdbx_PDB_id_code              7SXN 
_struct_ref_seq.pdbx_strand_id                AAA 
_struct_ref_seq.seq_align_beg                 1 
_struct_ref_seq.pdbx_seq_align_beg_ins_code   ? 
_struct_ref_seq.seq_align_end                 9 
_struct_ref_seq.pdbx_seq_align_end_ins_code   ? 
_struct_ref_seq.pdbx_db_accession             7SXN 
_struct_ref_seq.db_align_beg                  1 
_struct_ref_seq.pdbx_db_align_beg_ins_code    ? 
_struct_ref_seq.db_align_end                  9 
_struct_ref_seq.pdbx_db_align_end_ins_code    ? 
_struct_ref_seq.pdbx_auth_seq_align_beg       1 
_struct_ref_seq.pdbx_auth_seq_align_end       9 
# 
_pdbx_struct_assembly.id                   1 
_pdbx_struct_assembly.details              author_defined_assembly 
_pdbx_struct_assembly.method_details       ? 
_pdbx_struct_assembly.oligomeric_details   decameric 
_pdbx_struct_assembly.oligomeric_count     10 
# 
loop_
_pdbx_struct_assembly_gen.assembly_id 
_pdbx_struct_assembly_gen.oper_expression 
_pdbx_struct_assembly_gen.asym_id_list 
1 1  A,B 
1 2  A,B 
1 3  A,B 
1 4  A,B 
1 5  A,B 
1 6  A,B 
1 7  A,B 
1 8  A,B 
1 9  A,B 
1 10 A,B 
# 
_pdbx_struct_assembly_auth_evidence.id                     1 
_pdbx_struct_assembly_auth_evidence.assembly_id            1 
_pdbx_struct_assembly_auth_evidence.experimental_support   'electron microscopy' 
_pdbx_struct_assembly_auth_evidence.details                ? 
# 
loop_
_pdbx_struct_oper_list.id 
_pdbx_struct_oper_list.type 
_pdbx_struct_oper_list.name 
_pdbx_struct_oper_list.symmetry_operation 
_pdbx_struct_oper_list.matrix[1][1] 
_pdbx_struct_oper_list.matrix[1][2] 
_pdbx_struct_oper_list.matrix[1][3] 
_pdbx_struct_oper_list.vector[1] 
_pdbx_struct_oper_list.matrix[2][1] 
_pdbx_struct_oper_list.matrix[2][2] 
_pdbx_struct_oper_list.matrix[2][3] 
_pdbx_struct_oper_list.vector[2] 
_pdbx_struct_oper_list.matrix[3][1] 
_pdbx_struct_oper_list.matrix[3][2] 
_pdbx_struct_oper_list.matrix[3][3] 
_pdbx_struct_oper_list.vector[3] 
1  'identity operation'         1_555 x,y,z           1.0000000000  0.0000000000  0.0000000000 0.0000000000  0.0000000000  1.0000000000  0.0000000000  0.0000000000  0.0000000000 0.0000000000  1.0000000000 0.0000000000  
2  'crystal symmetry operation' 1_655 x+1,y,z         1.0000000000  0.0000000000  0.0000000000 2.0927215751  0.0000000000  1.0000000000  0.0000000000  4.2924981498  0.0000000000 0.0000000000  1.0000000000 0.7237928178  
3  'crystal symmetry operation' 1_755 x+2,y,z         1.0000000000  0.0000000000  0.0000000000 4.1854431501  0.0000000000  1.0000000000  0.0000000000  8.5849962996  0.0000000000 0.0000000000  1.0000000000 1.4475856356  
4  'crystal symmetry operation' 1_855 x+3,y,z         1.0000000000  0.0000000000  0.0000000000 6.2781647252  0.0000000000  1.0000000000  0.0000000000  12.8774944494 0.0000000000 0.0000000000  1.0000000000 2.1713784533  
5  'crystal symmetry operation' 1_955 x+4,y,z         1.0000000000  0.0000000000  0.0000000000 8.3708863003  0.0000000000  1.0000000000  0.0000000000  17.1699925993 0.0000000000 0.0000000000  1.0000000000 2.8951712711  
6  'crystal symmetry operation' 2_546 -x,y-1/2,-z+1   -0.4994253291 -0.3756795495 0.7806658804 -7.1310625717 -0.3756795495 -0.7180538048 -0.5858870280 -7.5141124831 0.7806658804 -0.5858870280 0.2174791338 15.7600924546 
7  'crystal symmetry operation' 2_646 -x+1,y-1/2,-z+1 -0.4994253291 -0.3756795495 0.7806658804 -5.0383409966 -0.3756795495 -0.7180538048 -0.5858870280 -3.2216143333 0.7806658804 -0.5858870280 0.2174791338 16.4838852724 
8  'crystal symmetry operation' 2_746 -x+2,y-1/2,-z+1 -0.4994253291 -0.3756795495 0.7806658804 -2.9456194215 -0.3756795495 -0.7180538048 -0.5858870280 1.0708838165  0.7806658804 -0.5858870280 0.2174791338 17.2076780902 
9  'crystal symmetry operation' 2_846 -x+3,y-1/2,-z+1 -0.4994253291 -0.3756795495 0.7806658804 -0.8528978464 -0.3756795495 -0.7180538048 -0.5858870280 5.3633819663  0.7806658804 -0.5858870280 0.2174791338 17.9314709080 
10 'crystal symmetry operation' 2_946 -x+4,y-1/2,-z+1 -0.4994253291 -0.3756795495 0.7806658804 1.2398237286  -0.3756795495 -0.7180538048 -0.5858870280 9.6558801161  0.7806658804 -0.5858870280 0.2174791338 18.6552637258 
# 
_em_3d_fitting.entry_id          7SXN 
_em_3d_fitting.id                1 
_em_3d_fitting.details           ? 
_em_3d_fitting.overall_b_value   ? 
_em_3d_fitting.ref_protocol      ? 
_em_3d_fitting.ref_space         RECIPROCAL 
_em_3d_fitting.target_criteria   ? 
_em_3d_fitting.method            ? 
# 
_em_3d_reconstruction.entry_id                    7SXN 
_em_3d_reconstruction.id                          1 
_em_3d_reconstruction.algorithm                   ? 
_em_3d_reconstruction.details                     ? 
_em_3d_reconstruction.refinement_type             ? 
_em_3d_reconstruction.image_processing_id         1 
_em_3d_reconstruction.num_class_averages          ? 
_em_3d_reconstruction.num_particles               ? 
_em_3d_reconstruction.resolution                  ? 
_em_3d_reconstruction.resolution_method           'DIFFRACTION PATTERN/LAYERLINES' 
_em_3d_reconstruction.symmetry_type               '3D CRYSTAL' 
_em_3d_reconstruction.method                      ? 
_em_3d_reconstruction.nominal_pixel_size          ? 
_em_3d_reconstruction.actual_pixel_size           ? 
_em_3d_reconstruction.magnification_calibration   ? 
# 
_em_buffer.id            1 
_em_buffer.details       ? 
_em_buffer.pH            4.6 
_em_buffer.specimen_id   1 
_em_buffer.name          ? 
# 
_em_entity_assembly.id                   1 
_em_entity_assembly.parent_id            0 
_em_entity_assembly.details              ? 
_em_entity_assembly.name                 'Amyloid fibril of Orb2A residues 1-9 MYNKFVNFI' 
_em_entity_assembly.source               'MULTIPLE SOURCES' 
_em_entity_assembly.type                 COMPLEX 
_em_entity_assembly.entity_id_list       1 
_em_entity_assembly.synonym              ? 
_em_entity_assembly.oligomeric_details   ? 
# 
_em_imaging.id                              1 
_em_imaging.entry_id                        7SXN 
_em_imaging.accelerating_voltage            200 
_em_imaging.alignment_procedure             ? 
_em_imaging.c2_aperture_diameter            ? 
_em_imaging.calibrated_defocus_max          ? 
_em_imaging.calibrated_defocus_min          ? 
_em_imaging.calibrated_magnification        ? 
_em_imaging.cryogen                         ? 
_em_imaging.details                         ? 
_em_imaging.electron_source                 'FIELD EMISSION GUN' 
_em_imaging.illumination_mode               'FLOOD BEAM' 
_em_imaging.microscope_model                'FEI TALOS ARCTICA' 
_em_imaging.mode                            DIFFRACTION 
_em_imaging.nominal_cs                      ? 
_em_imaging.nominal_defocus_max             ? 
_em_imaging.nominal_defocus_min             ? 
_em_imaging.nominal_magnification           ? 
_em_imaging.recording_temperature_maximum   ? 
_em_imaging.recording_temperature_minimum   ? 
_em_imaging.residual_tilt                   ? 
_em_imaging.specimen_holder_model           ? 
_em_imaging.specimen_id                     1 
_em_imaging.citation_id                     ? 
_em_imaging.date                            ? 
_em_imaging.temperature                     ? 
_em_imaging.tilt_angle_min                  ? 
_em_imaging.tilt_angle_max                  ? 
_em_imaging.astigmatism                     ? 
_em_imaging.detector_distance               ? 
_em_imaging.electron_beam_tilt_params       ? 
_em_imaging.specimen_holder_type            ? 
# 
_em_vitrification.id                    1 
_em_vitrification.specimen_id           1 
_em_vitrification.chamber_temperature   ? 
_em_vitrification.cryogen_name          ETHANE 
_em_vitrification.details               ? 
_em_vitrification.humidity              ? 
_em_vitrification.instrument            ? 
_em_vitrification.entry_id              7SXN 
_em_vitrification.citation_id           ? 
_em_vitrification.method                ? 
_em_vitrification.temp                  ? 
_em_vitrification.time_resolved_state   ? 
# 
_em_experiment.entry_id                7SXN 
_em_experiment.id                      1 
_em_experiment.aggregation_state       '3D ARRAY' 
_em_experiment.reconstruction_method   CRYSTALLOGRAPHY 
_em_experiment.entity_assembly_id      1 
# 
loop_
_chem_comp_atom.comp_id 
_chem_comp_atom.atom_id 
_chem_comp_atom.type_symbol 
_chem_comp_atom.pdbx_aromatic_flag 
_chem_comp_atom.pdbx_stereo_config 
_chem_comp_atom.pdbx_ordinal 
ASN N    N N N 1   
ASN CA   C N S 2   
ASN C    C N N 3   
ASN O    O N N 4   
ASN CB   C N N 5   
ASN CG   C N N 6   
ASN OD1  O N N 7   
ASN ND2  N N N 8   
ASN OXT  O N N 9   
ASN H    H N N 10  
ASN H2   H N N 11  
ASN HA   H N N 12  
ASN HB2  H N N 13  
ASN HB3  H N N 14  
ASN HD21 H N N 15  
ASN HD22 H N N 16  
ASN HXT  H N N 17  
HOH O    O N N 18  
HOH H1   H N N 19  
HOH H2   H N N 20  
ILE N    N N N 21  
ILE CA   C N S 22  
ILE C    C N N 23  
ILE O    O N N 24  
ILE CB   C N S 25  
ILE CG1  C N N 26  
ILE CG2  C N N 27  
ILE CD1  C N N 28  
ILE OXT  O N N 29  
ILE H    H N N 30  
ILE H2   H N N 31  
ILE HA   H N N 32  
ILE HB   H N N 33  
ILE HG12 H N N 34  
ILE HG13 H N N 35  
ILE HG21 H N N 36  
ILE HG22 H N N 37  
ILE HG23 H N N 38  
ILE HD11 H N N 39  
ILE HD12 H N N 40  
ILE HD13 H N N 41  
ILE HXT  H N N 42  
LYS N    N N N 43  
LYS CA   C N S 44  
LYS C    C N N 45  
LYS O    O N N 46  
LYS CB   C N N 47  
LYS CG   C N N 48  
LYS CD   C N N 49  
LYS CE   C N N 50  
LYS NZ   N N N 51  
LYS OXT  O N N 52  
LYS H    H N N 53  
LYS H2   H N N 54  
LYS HA   H N N 55  
LYS HB2  H N N 56  
LYS HB3  H N N 57  
LYS HG2  H N N 58  
LYS HG3  H N N 59  
LYS HD2  H N N 60  
LYS HD3  H N N 61  
LYS HE2  H N N 62  
LYS HE3  H N N 63  
LYS HZ1  H N N 64  
LYS HZ2  H N N 65  
LYS HZ3  H N N 66  
LYS HXT  H N N 67  
MET N    N N N 68  
MET CA   C N S 69  
MET C    C N N 70  
MET O    O N N 71  
MET CB   C N N 72  
MET CG   C N N 73  
MET SD   S N N 74  
MET CE   C N N 75  
MET OXT  O N N 76  
MET H    H N N 77  
MET H2   H N N 78  
MET HA   H N N 79  
MET HB2  H N N 80  
MET HB3  H N N 81  
MET HG2  H N N 82  
MET HG3  H N N 83  
MET HE1  H N N 84  
MET HE2  H N N 85  
MET HE3  H N N 86  
MET HXT  H N N 87  
PHE N    N N N 88  
PHE CA   C N S 89  
PHE C    C N N 90  
PHE O    O N N 91  
PHE CB   C N N 92  
PHE CG   C Y N 93  
PHE CD1  C Y N 94  
PHE CD2  C Y N 95  
PHE CE1  C Y N 96  
PHE CE2  C Y N 97  
PHE CZ   C Y N 98  
PHE OXT  O N N 99  
PHE H    H N N 100 
PHE H2   H N N 101 
PHE HA   H N N 102 
PHE HB2  H N N 103 
PHE HB3  H N N 104 
PHE HD1  H N N 105 
PHE HD2  H N N 106 
PHE HE1  H N N 107 
PHE HE2  H N N 108 
PHE HZ   H N N 109 
PHE HXT  H N N 110 
TYR N    N N N 111 
TYR CA   C N S 112 
TYR C    C N N 113 
TYR O    O N N 114 
TYR CB   C N N 115 
TYR CG   C Y N 116 
TYR CD1  C Y N 117 
TYR CD2  C Y N 118 
TYR CE1  C Y N 119 
TYR CE2  C Y N 120 
TYR CZ   C Y N 121 
TYR OH   O N N 122 
TYR OXT  O N N 123 
TYR H    H N N 124 
TYR H2   H N N 125 
TYR HA   H N N 126 
TYR HB2  H N N 127 
TYR HB3  H N N 128 
TYR HD1  H N N 129 
TYR HD2  H N N 130 
TYR HE1  H N N 131 
TYR HE2  H N N 132 
TYR HH   H N N 133 
TYR HXT  H N N 134 
VAL N    N N N 135 
VAL CA   C N S 136 
VAL C    C N N 137 
VAL O    O N N 138 
VAL CB   C N N 139 
VAL CG1  C N N 140 
VAL CG2  C N N 141 
VAL OXT  O N N 142 
VAL H    H N N 143 
VAL H2   H N N 144 
VAL HA   H N N 145 
VAL HB   H N N 146 
VAL HG11 H N N 147 
VAL HG12 H N N 148 
VAL HG13 H N N 149 
VAL HG21 H N N 150 
VAL HG22 H N N 151 
VAL HG23 H N N 152 
VAL HXT  H N N 153 
# 
loop_
_chem_comp_bond.comp_id 
_chem_comp_bond.atom_id_1 
_chem_comp_bond.atom_id_2 
_chem_comp_bond.value_order 
_chem_comp_bond.pdbx_aromatic_flag 
_chem_comp_bond.pdbx_stereo_config 
_chem_comp_bond.pdbx_ordinal 
ASN N   CA   sing N N 1   
ASN N   H    sing N N 2   
ASN N   H2   sing N N 3   
ASN CA  C    sing N N 4   
ASN CA  CB   sing N N 5   
ASN CA  HA   sing N N 6   
ASN C   O    doub N N 7   
ASN C   OXT  sing N N 8   
ASN CB  CG   sing N N 9   
ASN CB  HB2  sing N N 10  
ASN CB  HB3  sing N N 11  
ASN CG  OD1  doub N N 12  
ASN CG  ND2  sing N N 13  
ASN ND2 HD21 sing N N 14  
ASN ND2 HD22 sing N N 15  
ASN OXT HXT  sing N N 16  
HOH O   H1   sing N N 17  
HOH O   H2   sing N N 18  
ILE N   CA   sing N N 19  
ILE N   H    sing N N 20  
ILE N   H2   sing N N 21  
ILE CA  C    sing N N 22  
ILE CA  CB   sing N N 23  
ILE CA  HA   sing N N 24  
ILE C   O    doub N N 25  
ILE C   OXT  sing N N 26  
ILE CB  CG1  sing N N 27  
ILE CB  CG2  sing N N 28  
ILE CB  HB   sing N N 29  
ILE CG1 CD1  sing N N 30  
ILE CG1 HG12 sing N N 31  
ILE CG1 HG13 sing N N 32  
ILE CG2 HG21 sing N N 33  
ILE CG2 HG22 sing N N 34  
ILE CG2 HG23 sing N N 35  
ILE CD1 HD11 sing N N 36  
ILE CD1 HD12 sing N N 37  
ILE CD1 HD13 sing N N 38  
ILE OXT HXT  sing N N 39  
LYS N   CA   sing N N 40  
LYS N   H    sing N N 41  
LYS N   H2   sing N N 42  
LYS CA  C    sing N N 43  
LYS CA  CB   sing N N 44  
LYS CA  HA   sing N N 45  
LYS C   O    doub N N 46  
LYS C   OXT  sing N N 47  
LYS CB  CG   sing N N 48  
LYS CB  HB2  sing N N 49  
LYS CB  HB3  sing N N 50  
LYS CG  CD   sing N N 51  
LYS CG  HG2  sing N N 52  
LYS CG  HG3  sing N N 53  
LYS CD  CE   sing N N 54  
LYS CD  HD2  sing N N 55  
LYS CD  HD3  sing N N 56  
LYS CE  NZ   sing N N 57  
LYS CE  HE2  sing N N 58  
LYS CE  HE3  sing N N 59  
LYS NZ  HZ1  sing N N 60  
LYS NZ  HZ2  sing N N 61  
LYS NZ  HZ3  sing N N 62  
LYS OXT HXT  sing N N 63  
MET N   CA   sing N N 64  
MET N   H    sing N N 65  
MET N   H2   sing N N 66  
MET CA  C    sing N N 67  
MET CA  CB   sing N N 68  
MET CA  HA   sing N N 69  
MET C   O    doub N N 70  
MET C   OXT  sing N N 71  
MET CB  CG   sing N N 72  
MET CB  HB2  sing N N 73  
MET CB  HB3  sing N N 74  
MET CG  SD   sing N N 75  
MET CG  HG2  sing N N 76  
MET CG  HG3  sing N N 77  
MET SD  CE   sing N N 78  
MET CE  HE1  sing N N 79  
MET CE  HE2  sing N N 80  
MET CE  HE3  sing N N 81  
MET OXT HXT  sing N N 82  
PHE N   CA   sing N N 83  
PHE N   H    sing N N 84  
PHE N   H2   sing N N 85  
PHE CA  C    sing N N 86  
PHE CA  CB   sing N N 87  
PHE CA  HA   sing N N 88  
PHE C   O    doub N N 89  
PHE C   OXT  sing N N 90  
PHE CB  CG   sing N N 91  
PHE CB  HB2  sing N N 92  
PHE CB  HB3  sing N N 93  
PHE CG  CD1  doub Y N 94  
PHE CG  CD2  sing Y N 95  
PHE CD1 CE1  sing Y N 96  
PHE CD1 HD1  sing N N 97  
PHE CD2 CE2  doub Y N 98  
PHE CD2 HD2  sing N N 99  
PHE CE1 CZ   doub Y N 100 
PHE CE1 HE1  sing N N 101 
PHE CE2 CZ   sing Y N 102 
PHE CE2 HE2  sing N N 103 
PHE CZ  HZ   sing N N 104 
PHE OXT HXT  sing N N 105 
TYR N   CA   sing N N 106 
TYR N   H    sing N N 107 
TYR N   H2   sing N N 108 
TYR CA  C    sing N N 109 
TYR CA  CB   sing N N 110 
TYR CA  HA   sing N N 111 
TYR C   O    doub N N 112 
TYR C   OXT  sing N N 113 
TYR CB  CG   sing N N 114 
TYR CB  HB2  sing N N 115 
TYR CB  HB3  sing N N 116 
TYR CG  CD1  doub Y N 117 
TYR CG  CD2  sing Y N 118 
TYR CD1 CE1  sing Y N 119 
TYR CD1 HD1  sing N N 120 
TYR CD2 CE2  doub Y N 121 
TYR CD2 HD2  sing N N 122 
TYR CE1 CZ   doub Y N 123 
TYR CE1 HE1  sing N N 124 
TYR CE2 CZ   sing Y N 125 
TYR CE2 HE2  sing N N 126 
TYR CZ  OH   sing N N 127 
TYR OH  HH   sing N N 128 
TYR OXT HXT  sing N N 129 
VAL N   CA   sing N N 130 
VAL N   H    sing N N 131 
VAL N   H2   sing N N 132 
VAL CA  C    sing N N 133 
VAL CA  CB   sing N N 134 
VAL CA  HA   sing N N 135 
VAL C   O    doub N N 136 
VAL C   OXT  sing N N 137 
VAL CB  CG1  sing N N 138 
VAL CB  CG2  sing N N 139 
VAL CB  HB   sing N N 140 
VAL CG1 HG11 sing N N 141 
VAL CG1 HG12 sing N N 142 
VAL CG1 HG13 sing N N 143 
VAL CG2 HG21 sing N N 144 
VAL CG2 HG22 sing N N 145 
VAL CG2 HG23 sing N N 146 
VAL OXT HXT  sing N N 147 
# 
_em_3d_crystal_entity.id                    1 
_em_3d_crystal_entity.image_processing_id   1 
_em_3d_crystal_entity.angle_alpha           90.0 
_em_3d_crystal_entity.angle_beta            92.0 
_em_3d_crystal_entity.angle_gamma           90.0 
_em_3d_crystal_entity.length_a              4.83 
_em_3d_crystal_entity.length_b              23.1 
_em_3d_crystal_entity.length_c              29.8 
_em_3d_crystal_entity.space_group_name      'P 21' 
_em_3d_crystal_entity.space_group_num       4 
# 
_em_ctf_correction.id                       1 
_em_ctf_correction.em_image_processing_id   1 
_em_ctf_correction.type                     NONE 
_em_ctf_correction.details                  ? 
# 
_em_diffraction.id                1 
_em_diffraction.camera_length     1344 
_em_diffraction.imaging_id        1 
_em_diffraction.tilt_angle_list   ? 
# 
_em_diffraction_shell.id                        1 
_em_diffraction_shell.em_diffraction_stats_id   1 
_em_diffraction_shell.fourier_space_coverage    69.9 
_em_diffraction_shell.high_resolution           1.05 
_em_diffraction_shell.low_resolution            1.08 
_em_diffraction_shell.multiplicity              7.2 
_em_diffraction_shell.num_structure_factors     1101 
_em_diffraction_shell.phase_residual            0.1 
# 
_em_diffraction_stats.id                               1 
_em_diffraction_stats.details                          ? 
_em_diffraction_stats.image_processing_id              1 
_em_diffraction_stats.fourier_space_coverage           83.3 
_em_diffraction_stats.high_resolution                  1.05 
_em_diffraction_stats.num_intensities_measured         36014 
_em_diffraction_stats.num_structure_factors            2596 
_em_diffraction_stats.overall_phase_error              ? 
_em_diffraction_stats.overall_phase_residual           ? 
_em_diffraction_stats.phase_error_rejection_criteria   0.1 
_em_diffraction_stats.r_merge                          15.6 
_em_diffraction_stats.r_sym                            ? 
# 
_em_entity_assembly_molwt.entity_assembly_id   1 
_em_entity_assembly_molwt.id                   1 
_em_entity_assembly_molwt.experimental_flag    NO 
_em_entity_assembly_molwt.units                ? 
_em_entity_assembly_molwt.value                ? 
# 
_em_image_processing.id                   1 
_em_image_processing.image_recording_id   1 
_em_image_processing.details              ? 
# 
_em_image_recording.id                                  1 
_em_image_recording.imaging_id                          1 
_em_image_recording.avg_electron_dose_per_image         0.01 
_em_image_recording.average_exposure_time               ? 
_em_image_recording.details                             ? 
_em_image_recording.detector_mode                       ? 
_em_image_recording.film_or_detector_model              'FEI CETA (4k x 4k)' 
_em_image_recording.num_diffraction_images              ? 
_em_image_recording.num_grids_imaged                    ? 
_em_image_recording.num_real_images                     ? 
_em_image_recording.avg_electron_dose_per_subtomogram   ? 
# 
loop_
_em_software.id 
_em_software.category 
_em_software.details 
_em_software.name 
_em_software.version 
_em_software.image_processing_id 
_em_software.fitting_id 
_em_software.imaging_id 
1  'IMAGE ACQUISITION'             ? ? ? ? ? 1 
2  MASKING                         ? ? ? ? ? ? 
3  'CTF CORRECTION'                ? ? ? 1 ? ? 
4  'LAYERLINE INDEXING'            ? ? ? ? ? ? 
5  'DIFFRACTION INDEXING'          ? ? ? ? ? ? 
6  'MODEL FITTING'                 ? ? ? ? 1 ? 
7  OTHER                           ? ? ? ? ? ? 
8  'MOLECULAR REPLACEMENT'         ? ? ? 1 ? ? 
9  'LATTICE DISTORTION CORRECTION' ? ? ? 1 ? ? 
10 'SYMMETRY DETERMINATION'        ? ? ? 1 ? ? 
11 'CRYSTALLOGRAPHY MERGING'       ? ? ? 1 ? ? 
12 RECONSTRUCTION                  ? ? ? 1 ? ? 
13 'MODEL REFINEMENT'              ? ? ? ? 1 ? 
# 
_em_specimen.id                      1 
_em_specimen.experiment_id           1 
_em_specimen.concentration           ? 
_em_specimen.details                 ? 
_em_specimen.embedding_applied       NO 
_em_specimen.shadowing_applied       NO 
_em_specimen.staining_applied        NO 
_em_specimen.vitrification_applied   YES 
# 
_pdbx_audit_support.funding_organization   'National Science Foundation (NSF, United States)' 
_pdbx_audit_support.country                'United States' 
_pdbx_audit_support.grant_number           'MCB 1616265' 
_pdbx_audit_support.ordinal                1 
# 
_atom_sites.entry_id                    7SXN 
_atom_sites.Cartn_transf_matrix[1][1]   ? 
_atom_sites.Cartn_transf_matrix[1][2]   ? 
_atom_sites.Cartn_transf_matrix[1][3]   ? 
_atom_sites.Cartn_transf_matrix[2][1]   ? 
_atom_sites.Cartn_transf_matrix[2][2]   ? 
_atom_sites.Cartn_transf_matrix[2][3]   ? 
_atom_sites.Cartn_transf_matrix[3][1]   ? 
_atom_sites.Cartn_transf_matrix[3][2]   ? 
_atom_sites.Cartn_transf_matrix[3][3]   ? 
_atom_sites.Cartn_transf_vector[1]      ? 
_atom_sites.Cartn_transf_vector[2]      ? 
_atom_sites.Cartn_transf_vector[3]      ? 
_atom_sites.fract_transf_matrix[1][1]   0.08428195 
_atom_sites.fract_transf_matrix[1][2]   0.18590198 
_atom_sites.fract_transf_matrix[1][3]   0.03541869 
_atom_sites.fract_transf_matrix[2][1]   -0.02165744 
_atom_sites.fract_transf_matrix[2][2]   0.01625383 
_atom_sites.fract_transf_matrix[2][3]   -0.03377562 
_atom_sites.fract_transf_matrix[3][1]   -0.02513823 
_atom_sites.fract_transf_matrix[3][2]   0.00882184 
_atom_sites.fract_transf_matrix[3][3]   0.02036434 
_atom_sites.fract_transf_vector[1]      0.719859 
_atom_sites.fract_transf_vector[2]      -0.067311 
_atom_sites.fract_transf_vector[3]      0.283048 
_atom_sites.solution_primary            ? 
_atom_sites.solution_secondary          ? 
_atom_sites.solution_hydrogens          ? 
_atom_sites.special_details             ? 
# 
loop_
_atom_type.symbol 
_atom_type.scat_Cromer_Mann_a1 
_atom_type.scat_Cromer_Mann_b1 
_atom_type.scat_Cromer_Mann_a2 
_atom_type.scat_Cromer_Mann_b2 
_atom_type.scat_Cromer_Mann_a3 
_atom_type.scat_Cromer_Mann_b3 
_atom_type.scat_Cromer_Mann_a4 
_atom_type.scat_Cromer_Mann_b4 
C 0.214 0.247 0.613 1.710 1.810 6.409  2.508 18.611 
H 0.066 0.535 0.227 3.587 0.373 12.347 0.108 18.952 
N 0.323 0.245 1.018 1.748 2.524 6.193  2.592 17.389 
O 0.393 0.207 1.178 1.382 2.787 4.694  2.819 12.710 
S 0.774 0.268 1.745 1.671 4.309 7.027  6.779 19.538 
# 
loop_
_atom_site.group_PDB 
_atom_site.id 
_atom_site.type_symbol 
_atom_site.label_atom_id 
_atom_site.label_alt_id 
_atom_site.label_comp_id 
_atom_site.label_asym_id 
_atom_site.label_entity_id 
_atom_site.label_seq_id 
_atom_site.pdbx_PDB_ins_code 
_atom_site.Cartn_x 
_atom_site.Cartn_y 
_atom_site.Cartn_z 
_atom_site.occupancy 
_atom_site.B_iso_or_equiv 
_atom_site.pdbx_formal_charge 
_atom_site.auth_seq_id 
_atom_site.auth_comp_id 
_atom_site.auth_asym_id 
_atom_site.auth_atom_id 
_atom_site.pdbx_PDB_model_num 
_atom_site.calc_flag 
ATOM   1   N N    . MET A 1 1 ? 7.938   -4.252 -7.233  1.000 24.924 0 1   MET AAA N    1 ? 
ATOM   2   C CA   . MET A 1 1 ? 8.963   -4.902 -6.452  1.000 14.587 0 1   MET AAA CA   1 ? 
ATOM   3   C C    . MET A 1 1 ? 8.973   -4.266 -5.056  1.000 10.003 0 1   MET AAA C    1 ? 
ATOM   4   O O    . MET A 1 1 ? 9.456   -3.169 -4.845  1.000 15.705 0 1   MET AAA O    1 ? 
ATOM   5   C CB   . MET A 1 1 ? 10.345  -4.854 -7.094  1.000 17.566 0 1   MET AAA CB   1 ? 
ATOM   6   C CG   . MET A 1 1 ? 10.616  -5.946 -8.074  1.000 30.297 0 1   MET AAA CG   1 ? 
ATOM   7   S SD   . MET A 1 1 ? 12.381  -6.011 -8.449  1.000 33.025 0 1   MET AAA SD   1 ? 
ATOM   8   C CE   . MET A 1 1 ? 12.408  -4.865 -9.821  1.000 32.128 0 1   MET AAA CE   1 ? 
ATOM   9   H H1   . MET A 1 1 ? 8.171   -3.354 -7.369  1.000 23.801 0 1   MET AAA H1   1 c 
ATOM   10  H H2   . MET A 1 1 ? 7.100   -4.295 -6.770  1.000 22.454 0 1   MET AAA H2   1 c 
ATOM   11  H H3   . MET A 1 1 ? 7.856   -4.691 -8.083  1.000 22.266 0 1   MET AAA H3   1 c 
ATOM   12  H HA   . MET A 1 1 ? 8.702   -5.842 -6.353  1.000 15.224 0 1   MET AAA HA   1 c 
ATOM   13  H HB2  . MET A 1 1 ? 10.448  -3.994 -7.546  1.000 17.618 0 1   MET AAA HB2  1 c 
ATOM   14  H HB3  . MET A 1 1 ? 11.018  -4.896 -6.384  1.000 18.096 0 1   MET AAA HB3  1 c 
ATOM   15  H HG2  . MET A 1 1 ? 10.331  -6.807 -7.698  1.000 26.983 0 1   MET AAA HG2  1 c 
ATOM   16  H HG3  . MET A 1 1 ? 10.111  -5.785 -8.899  1.000 28.785 0 1   MET AAA HG3  1 c 
ATOM   17  H HE1  . MET A 1 1 ? 13.278  -4.887 -10.238 1.000 33.222 0 1   MET AAA HE1  1 c 
ATOM   18  H HE2  . MET A 1 1 ? 11.736  -5.121 -10.466 1.000 32.470 0 1   MET AAA HE2  1 c 
ATOM   19  H HE3  . MET A 1 1 ? 12.225  -3.974 -9.500  1.000 30.203 0 1   MET AAA HE3  1 c 
ATOM   20  N N    . TYR A 1 2 ? 8.356   -4.995 -4.108  1.000 10.259 0 2   TYR AAA N    1 ? 
ATOM   21  C CA   . TYR A 1 2 ? 8.375   -4.647 -2.695  1.000 7.216  0 2   TYR AAA CA   1 ? 
ATOM   22  C C    . TYR A 1 2 ? 7.690   -3.304 -2.465  1.000 7.560  0 2   TYR AAA C    1 ? 
ATOM   23  O O    . TYR A 1 2 ? 8.048   -2.553 -1.534  1.000 13.816 0 2   TYR AAA O    1 ? 
ATOM   24  C CB   . TYR A 1 2 ? 9.809   -4.668 -2.148  1.000 9.966  0 2   TYR AAA CB   1 ? 
ATOM   25  C CG   . TYR A 1 2 ? 10.421  -6.048 -2.217  1.000 9.541  0 2   TYR AAA CG   1 ? 
ATOM   26  C CD1  . TYR A 1 2 ? 10.155  -7.045 -1.269  1.000 9.526  0 2   TYR AAA CD1  1 ? 
ATOM   27  C CD2  . TYR A 1 2 ? 11.253  -6.390 -3.278  1.000 11.563 0 2   TYR AAA CD2  1 ? 
ATOM   28  C CE1  . TYR A 1 2 ? 10.763  -8.288 -1.334  1.000 10.617 0 2   TYR AAA CE1  1 ? 
ATOM   29  C CE2  . TYR A 1 2 ? 11.822  -7.648 -3.386  1.000 11.392 0 2   TYR AAA CE2  1 ? 
ATOM   30  C CZ   . TYR A 1 2 ? 11.605  -8.579 -2.401  1.000 9.383  0 2   TYR AAA CZ   1 ? 
ATOM   31  O OH   . TYR A 1 2 ? 12.170  -9.822 -2.502  1.000 17.118 0 2   TYR AAA OH   1 ? 
ATOM   32  H H    . TYR A 1 2 ? 7.848   -5.822 -4.388  1.000 9.675  0 2   TYR AAA H    1 c 
ATOM   33  H HA   . TYR A 1 2 ? 7.857   -5.333 -2.207  1.000 7.640  0 2   TYR AAA HA   1 c 
ATOM   34  H HB2  . TYR A 1 2 ? 10.359  -4.041 -2.662  1.000 9.279  0 2   TYR AAA HB2  1 c 
ATOM   35  H HB3  . TYR A 1 2 ? 9.797   -4.368 -1.215  1.000 9.605  0 2   TYR AAA HB3  1 c 
ATOM   36  H HD1  . TYR A 1 2 ? 9.613   -6.839 -0.526  1.000 9.395  0 2   TYR AAA HD1  1 c 
ATOM   37  H HD2  . TYR A 1 2 ? 11.435  -5.747 -3.945  1.000 10.759 0 2   TYR AAA HD2  1 c 
ATOM   38  H HE1  . TYR A 1 2 ? 10.584  -8.940 -0.678  1.000 9.803  0 2   TYR AAA HE1  1 c 
ATOM   39  H HE2  . TYR A 1 2 ? 12.406  -7.844 -4.099  1.000 10.430 0 2   TYR AAA HE2  1 c 
ATOM   40  N N    . ASN A 1 3 ? 6.723   -2.965 -3.309  1.000 8.948  0 3   ASN AAA N    1 ? 
ATOM   41  C CA   . ASN A 1 3 ? 5.940   -1.754 -3.136  1.000 7.183  0 3   ASN AAA CA   1 ? 
ATOM   42  C C    . ASN A 1 3 ? 4.720   -2.022 -2.251  1.000 6.111  0 3   ASN AAA C    1 ? 
ATOM   43  O O    . ASN A 1 3 ? 4.096   -3.071 -2.350  1.000 15.021 0 3   ASN AAA O    1 ? 
ATOM   44  C CB   . ASN A 1 3 ? 5.475   -1.096 -4.459  1.000 7.104  0 3   ASN AAA CB   1 ? 
ATOM   45  C CG   . ASN A 1 3 ? 6.629   -0.676 -5.370  1.000 10.505 0 3   ASN AAA CG   1 ? 
ATOM   46  O OD1  . ASN A 1 3 ? 7.649   -0.044 -4.972  1.000 12.500 0 3   ASN AAA OD1  1 ? 
ATOM   47  N ND2  . ASN A 1 3 ? 6.487   -0.988 -6.641  1.000 16.119 0 3   ASN AAA ND2  1 ? 
ATOM   48  H H    . ASN A 1 3 ? 6.506   -3.570 -4.086  1.000 8.537  0 3   ASN AAA H    1 c 
ATOM   49  H HA   . ASN A 1 3 ? 6.510   -1.096 -2.675  1.000 6.772  0 3   ASN AAA HA   1 c 
ATOM   50  H HB2  . ASN A 1 3 ? 4.903   -1.729 -4.938  1.000 7.575  0 3   ASN AAA HB2  1 c 
ATOM   51  H HB3  . ASN A 1 3 ? 4.939   -0.306 -4.245  1.000 7.345  0 3   ASN AAA HB3  1 c 
ATOM   52  H HD21 . ASN A 1 3 ? 7.093   -0.725 -7.235  1.000 14.080 0 3   ASN AAA HD21 1 c 
ATOM   53  H HD22 . ASN A 1 3 ? 5.811   -1.504 -6.904  1.000 13.684 0 3   ASN AAA HD22 1 c 
ATOM   54  N N    . LYS A 1 4 ? 4.351   -1.035 -1.462  1.000 6.822  0 4   LYS AAA N    1 ? 
ATOM   55  C CA   . LYS A 1 4 ? 3.214   -1.094 -0.552  1.000 5.998  0 4   LYS AAA CA   1 ? 
ATOM   56  C C    . LYS A 1 4 ? 2.236   0.044  -0.799  1.000 5.708  0 4   LYS AAA C    1 ? 
ATOM   57  O O    . LYS A 1 4 ? 2.679   1.171  -0.824  1.000 11.069 0 4   LYS AAA O    1 ? 
ATOM   58  C CB   . LYS A 1 4 ? 3.630   -1.111 0.924   1.000 7.700  0 4   LYS AAA CB   1 ? 
ATOM   59  C CG   . LYS A 1 4 ? 4.637   -2.228 1.176   1.000 13.405 0 4   LYS AAA CG   1 ? 
ATOM   60  C CD   . LYS A 1 4 ? 4.684   -2.894 2.529   1.000 17.405 0 4   LYS AAA CD   1 ? 
ATOM   61  C CE   . LYS A 1 4 ? 5.777   -3.957 2.597   1.000 15.086 0 4   LYS AAA CE   1 ? 
ATOM   62  N NZ   . LYS A 1 4 ? 6.984   -3.546 1.827   1.000 28.141 0 4   LYS AAA NZ   1 ? 
ATOM   63  H H    . LYS A 1 4 ? 4.886   -0.180 -1.490  1.000 6.534  0 4   LYS AAA H    1 c 
ATOM   64  H HA   . LYS A 1 4 ? 2.739   -1.935 -0.732  1.000 6.389  0 4   LYS AAA HA   1 c 
ATOM   65  H HB2  . LYS A 1 4 ? 4.032   -0.248 1.159   1.000 7.502  0 4   LYS AAA HB2  1 c 
ATOM   66  H HB3  . LYS A 1 4 ? 2.838   -1.250 1.485   1.000 7.837  0 4   LYS AAA HB3  1 c 
ATOM   67  H HG2  . LYS A 1 4 ? 4.479   -2.927 0.507   1.000 12.465 0 4   LYS AAA HG2  1 c 
ATOM   68  H HG3  . LYS A 1 4 ? 5.525   -1.858 0.991   1.000 12.461 0 4   LYS AAA HG3  1 c 
ATOM   69  H HD2  . LYS A 1 4 ? 4.852   -2.214 3.214   1.000 16.361 0 4   LYS AAA HD2  1 c 
ATOM   70  H HD3  . LYS A 1 4 ? 3.815   -3.310 2.717   1.000 17.509 0 4   LYS AAA HD3  1 c 
ATOM   71  H HE2  . LYS A 1 4 ? 6.028   -4.110 3.528   1.000 18.427 0 4   LYS AAA HE2  1 c 
ATOM   72  H HE3  . LYS A 1 4 ? 5.439   -4.797 2.233   1.000 16.121 0 4   LYS AAA HE3  1 c 
ATOM   73  H HZ1  . LYS A 1 4 ? 6.834   -3.637 0.937   1.000 19.946 0 4   LYS AAA HZ1  1 c 
ATOM   74  H HZ2  . LYS A 1 4 ? 7.685   -4.074 2.057   1.000 23.520 0 4   LYS AAA HZ2  1 c 
ATOM   75  H HZ3  . LYS A 1 4 ? 7.198   -2.685 2.018   1.000 25.211 0 4   LYS AAA HZ3  1 c 
ATOM   76  N N    . PHE A 1 5 ? 0.944   -0.302 -1.019  1.000 6.327  0 5   PHE AAA N    1 ? 
ATOM   77  C CA   . PHE A 1 5 ? -0.136  0.639  -1.275  1.000 5.144  0 5   PHE AAA CA   1 ? 
ATOM   78  C C    . PHE A 1 5 ? -1.264  0.301  -0.304  1.000 3.468  0 5   PHE AAA C    1 ? 
ATOM   79  O O    . PHE A 1 5 ? -1.898  -0.772 -0.445  1.000 7.692  0 5   PHE AAA O    1 ? 
ATOM   80  C CB   . PHE A 1 5 ? -0.598  0.560  -2.756  1.000 5.382  0 5   PHE AAA CB   1 ? 
ATOM   81  C CG   . PHE A 1 5 ? -1.685  1.523  -3.219  1.000 5.935  0 5   PHE AAA CG   1 ? 
ATOM   82  C CD1  . PHE A 1 5 ? -1.997  2.691  -2.544  1.000 5.723  0 5   PHE AAA CD1  1 ? 
ATOM   83  C CD2  . PHE A 1 5 ? -2.376  1.256  -4.407  1.000 7.433  0 5   PHE AAA CD2  1 ? 
ATOM   84  C CE1  . PHE A 1 5 ? -3.022  3.526  -2.993  1.000 6.711  0 5   PHE AAA CE1  1 ? 
ATOM   85  C CE2  . PHE A 1 5 ? -3.371  2.104  -4.866  1.000 7.708  0 5   PHE AAA CE2  1 ? 
ATOM   86  C CZ   . PHE A 1 5 ? -3.663  3.244  -4.166  1.000 7.320  0 5   PHE AAA CZ   1 ? 
ATOM   87  H H    . PHE A 1 5 ? 0.713   -1.285 -1.002  1.000 5.992  0 5   PHE AAA H    1 c 
ATOM   88  H HA   . PHE A 1 5 ? 0.185   1.554  -1.088  1.000 5.256  0 5   PHE AAA HA   1 c 
ATOM   89  H HB2  . PHE A 1 5 ? 0.191   0.701  -3.320  1.000 5.361  0 5   PHE AAA HB2  1 c 
ATOM   90  H HB3  . PHE A 1 5 ? -0.912  -0.354 -2.922  1.000 5.511  0 5   PHE AAA HB3  1 c 
ATOM   91  H HD1  . PHE A 1 5 ? -1.555  2.894  -1.735  1.000 5.947  0 5   PHE AAA HD1  1 c 
ATOM   92  H HD2  . PHE A 1 5 ? -2.171  0.474  -4.894  1.000 7.276  0 5   PHE AAA HD2  1 c 
ATOM   93  H HE1  . PHE A 1 5 ? -3.224  4.320  -2.523  1.000 6.905  0 5   PHE AAA HE1  1 c 
ATOM   94  H HE2  . PHE A 1 5 ? -3.832  1.905  -5.664  1.000 7.482  0 5   PHE AAA HE2  1 c 
ATOM   95  H HZ   . PHE A 1 5 ? -4.345  3.819  -4.475  1.000 7.076  0 5   PHE AAA HZ   1 c 
ATOM   96  N N    . VAL A 1 6 ? -1.403  1.091  0.761   1.000 5.477  0 6   VAL AAA N    1 ? 
ATOM   97  C CA   . VAL A 1 6 ? -2.323  0.769  1.856   1.000 4.760  0 6   VAL AAA CA   1 ? 
ATOM   98  C C    . VAL A 1 6 ? -3.247  1.930  2.143   1.000 3.954  0 6   VAL AAA C    1 ? 
ATOM   99  O O    . VAL A 1 6 ? -2.718  3.056  2.318   1.000 8.460  0 6   VAL AAA O    1 ? 
ATOM   100 C CB   . VAL A 1 6 ? -1.550  0.315  3.121   1.000 4.818  0 6   VAL AAA CB   1 ? 
ATOM   101 C CG1  . VAL A 1 6 ? -2.525  -0.011 4.235   1.000 4.199  0 6   VAL AAA CG1  1 ? 
ATOM   102 C CG2  . VAL A 1 6 ? -0.588  -0.783 2.839   1.000 5.236  0 6   VAL AAA CG2  1 ? 
ATOM   103 H H    . VAL A 1 6 ? -0.864  1.937  0.824   1.000 4.683  0 6   VAL AAA H    1 c 
ATOM   104 H HA   . VAL A 1 6 ? -2.870  0.022  1.567   1.000 4.604  0 6   VAL AAA HA   1 c 
ATOM   105 H HB   . VAL A 1 6 ? -1.019  1.093  3.423   1.000 4.819  0 6   VAL AAA HB   1 c 
ATOM   106 H HG11 . VAL A 1 6 ? -2.804  0.811  4.674   1.000 4.537  0 6   VAL AAA HG11 1 c 
ATOM   107 H HG12 . VAL A 1 6 ? -2.095  -0.594 4.886   1.000 4.244  0 6   VAL AAA HG12 1 c 
ATOM   108 H HG13 . VAL A 1 6 ? -3.305  -0.461 3.865   1.000 4.358  0 6   VAL AAA HG13 1 c 
ATOM   109 H HG21 . VAL A 1 6 ? -1.047  -1.507 2.378   1.000 5.240  0 6   VAL AAA HG21 1 c 
ATOM   110 H HG22 . VAL A 1 6 ? -0.220  -1.117 3.677   1.000 5.100  0 6   VAL AAA HG22 1 c 
ATOM   111 H HG23 . VAL A 1 6 ? 0.135   -0.448 2.281   1.000 5.154  0 6   VAL AAA HG23 1 c 
ATOM   112 N N    . ASN A 1 7 ? -4.562  1.644  2.193   1.000 5.860  0 7   ASN AAA N    1 ? 
ATOM   113 C CA   . ASN A 1 7 ? -5.554  2.675  2.380   1.000 4.754  0 7   ASN AAA CA   1 ? 
ATOM   114 C C    . ASN A 1 7 ? -6.447  2.347  3.561   1.000 4.446  0 7   ASN AAA C    1 ? 
ATOM   115 O O    . ASN A 1 7 ? -6.956  1.198  3.604   1.000 10.004 0 7   ASN AAA O    1 ? 
ATOM   116 C CB   . ASN A 1 7 ? -6.391  2.917  1.109   1.000 4.887  0 7   ASN AAA CB   1 ? 
ATOM   117 C CG   . ASN A 1 7 ? -5.513  3.323  -0.061  1.000 5.108  0 7   ASN AAA CG   1 ? 
ATOM   118 O OD1  . ASN A 1 7 ? -4.892  4.401  -0.054  1.000 8.914  0 7   ASN AAA OD1  1 ? 
ATOM   119 N ND2  . ASN A 1 7 ? -5.493  2.471  -1.069  1.000 7.902  0 7   ASN AAA ND2  1 ? 
ATOM   120 H H    . ASN A 1 7 ? -4.868  0.686  2.098   1.000 5.248  0 7   ASN AAA H    1 c 
ATOM   121 H HA   . ASN A 1 7 ? -5.082  3.517  2.579   1.000 5.077  0 7   ASN AAA HA   1 c 
ATOM   122 H HB2  . ASN A 1 7 ? -6.876  2.098  0.885   1.000 5.405  0 7   ASN AAA HB2  1 c 
ATOM   123 H HB3  . ASN A 1 7 ? -7.045  3.624  1.285   1.000 4.852  0 7   ASN AAA HB3  1 c 
ATOM   124 H HD21 . ASN A 1 7 ? -5.515  2.770  -1.898  1.000 7.211  0 7   ASN AAA HD21 1 c 
ATOM   125 H HD22 . ASN A 1 7 ? -5.453  1.602  -0.913  1.000 6.811  0 7   ASN AAA HD22 1 c 
ATOM   126 N N    . PHE A 1 8 ? -6.641  3.293  4.486   1.000 6.632  0 8   PHE AAA N    1 ? 
ATOM   127 C CA   . PHE A 1 8 ? -7.649  3.289  5.538   1.000 5.687  0 8   PHE AAA CA   1 ? 
ATOM   128 C C    . PHE A 1 8 ? -8.625  4.425  5.244   1.000 5.669  0 8   PHE AAA C    1 ? 
ATOM   129 O O    . PHE A 1 8 ? -8.233  5.601  5.361   1.000 9.299  0 8   PHE AAA O    1 ? 
ATOM   130 C CB   . PHE A 1 8 ? -7.017  3.500  6.930   1.000 5.477  0 8   PHE AAA CB   1 ? 
ATOM   131 C CG   . PHE A 1 8 ? -5.940  2.500  7.299   1.000 5.067  0 8   PHE AAA CG   1 ? 
ATOM   132 C CD1  . PHE A 1 8 ? -4.618  2.598  6.844   1.000 6.200  0 8   PHE AAA CD1  1 ? 
ATOM   133 C CD2  . PHE A 1 8 ? -6.249  1.364  8.073   1.000 6.414  0 8   PHE AAA CD2  1 ? 
ATOM   134 C CE1  . PHE A 1 8 ? -3.630  1.693  7.215   1.000 8.441  0 8   PHE AAA CE1  1 ? 
ATOM   135 C CE2  . PHE A 1 8 ? -5.268  0.444  8.434   1.000 7.788  0 8   PHE AAA CE2  1 ? 
ATOM   136 C CZ   . PHE A 1 8 ? -3.973  0.566  7.961   1.000 6.834  0 8   PHE AAA CZ   1 ? 
ATOM   137 H H    . PHE A 1 8 ? -6.023  4.091  4.450   1.000 5.466  0 8   PHE AAA H    1 c 
ATOM   138 H HA   . PHE A 1 8 ? -8.135  2.427  5.527   1.000 5.711  0 8   PHE AAA HA   1 c 
ATOM   139 H HB2  . PHE A 1 8 ? -6.632  4.401  6.960   1.000 5.387  0 8   PHE AAA HB2  1 c 
ATOM   140 H HB3  . PHE A 1 8 ? -7.729  3.460  7.601   1.000 5.451  0 8   PHE AAA HB3  1 c 
ATOM   141 H HD1  . PHE A 1 8 ? -4.374  3.349  6.326   1.000 6.087  0 8   PHE AAA HD1  1 c 
ATOM   142 H HD2  . PHE A 1 8 ? -7.130  1.250  8.392   1.000 6.387  0 8   PHE AAA HD2  1 c 
ATOM   143 H HE1  . PHE A 1 8 ? -2.751  1.794  6.886   1.000 7.551  0 8   PHE AAA HE1  1 c 
ATOM   144 H HE2  . PHE A 1 8 ? -5.505  -0.306 8.952   1.000 7.128  0 8   PHE AAA HE2  1 c 
ATOM   145 H HZ   . PHE A 1 8 ? -3.312  -0.058 8.215   1.000 6.452  0 8   PHE AAA HZ   1 c 
ATOM   146 N N    . ILE A 1 9 ? -9.811  4.068  4.761   1.000 8.239  0 9   ILE AAA N    1 ? 
ATOM   147 C CA   . ILE A 1 9 ? -10.830 5.024  4.335   1.000 8.582  0 9   ILE AAA CA   1 ? 
ATOM   148 C C    . ILE A 1 9 ? -12.113 4.814  5.147   1.000 12.866 0 9   ILE AAA C    1 ? 
ATOM   149 O O    . ILE A 1 9 ? -12.569 5.734  5.782   1.000 24.894 0 9   ILE AAA O    1 ? 
ATOM   150 C CB   . ILE A 1 9 ? -11.093 4.988  2.810   1.000 8.027  0 9   ILE AAA CB   1 ? 
ATOM   151 C CG1  . ILE A 1 9 ? -9.792  5.207  2.048   1.000 8.704  0 9   ILE AAA CG1  1 ? 
ATOM   152 C CG2  . ILE A 1 9 ? -12.164 6.000  2.423   1.000 7.599  0 9   ILE AAA CG2  1 ? 
ATOM   153 C CD1  . ILE A 1 9 ? -9.857  4.951  0.594   1.000 10.055 0 9   ILE AAA CD1  1 ? 
ATOM   154 O OXT  . ILE A 1 9 ? -12.782 3.739  5.227   1.000 26.424 0 9   ILE AAA OXT  1 ? 
ATOM   155 H H    . ILE A 1 9 ? -10.021 3.084  4.679   1.000 7.359  0 9   ILE AAA H    1 c 
ATOM   156 H HA   . ILE A 1 9 ? -10.499 5.913  4.545   1.000 8.400  0 9   ILE AAA HA   1 c 
ATOM   157 H HB   . ILE A 1 9 ? -11.428 4.086  2.583   1.000 8.111  0 9   ILE AAA HB   1 c 
ATOM   158 H HG12 . ILE A 1 9 ? -9.503  6.134  2.187   1.000 8.862  0 9   ILE AAA HG12 1 c 
ATOM   159 H HG13 . ILE A 1 9 ? -9.104  4.623  2.432   1.000 8.478  0 9   ILE AAA HG13 1 c 
ATOM   160 H HG21 . ILE A 1 9 ? -13.045 5.606  2.544   1.000 7.501  0 9   ILE AAA HG21 1 c 
ATOM   161 H HG22 . ILE A 1 9 ? -12.052 6.256  1.491   1.000 7.680  0 9   ILE AAA HG22 1 c 
ATOM   162 H HG23 . ILE A 1 9 ? -12.085 6.791  2.985   1.000 7.924  0 9   ILE AAA HG23 1 c 
ATOM   163 H HD11 . ILE A 1 9 ? -10.503 4.246  0.414   1.000 9.857  0 9   ILE AAA HD11 1 c 
ATOM   164 H HD12 . ILE A 1 9 ? -8.981  4.675  0.272   1.000 9.525  0 9   ILE AAA HD12 1 c 
ATOM   165 H HD13 . ILE A 1 9 ? -10.128 5.763  0.132   1.000 10.022 0 9   ILE AAA HD13 1 c 
HETATM 166 O O    . HOH B 2 . ? 9.117   -2.497 1.002   1.000 33.346 0 101 HOH AAA O    1 ? 
HETATM 167 O O    . HOH B 2 . ? 5.059   -2.295 -8.844  1.000 14.127 0 102 HOH AAA O    1 ? 
HETATM 168 O O    . HOH B 2 . ? 1.750   -1.985 -4.175  1.000 33.620 0 103 HOH AAA O    1 ? 
HETATM 169 O O    . HOH B 2 . ? 9.099   -1.452 -9.018  1.000 13.657 0 104 HOH AAA O    1 ? 
# 
loop_
_atom_site_anisotrop.id 
_atom_site_anisotrop.type_symbol 
_atom_site_anisotrop.pdbx_label_atom_id 
_atom_site_anisotrop.pdbx_label_alt_id 
_atom_site_anisotrop.pdbx_label_comp_id 
_atom_site_anisotrop.pdbx_label_asym_id 
_atom_site_anisotrop.pdbx_label_seq_id 
_atom_site_anisotrop.pdbx_PDB_ins_code 
_atom_site_anisotrop.U[1][1] 
_atom_site_anisotrop.U[2][2] 
_atom_site_anisotrop.U[3][3] 
_atom_site_anisotrop.U[1][2] 
_atom_site_anisotrop.U[1][3] 
_atom_site_anisotrop.U[2][3] 
_atom_site_anisotrop.pdbx_auth_seq_id 
_atom_site_anisotrop.pdbx_auth_comp_id 
_atom_site_anisotrop.pdbx_auth_asym_id 
_atom_site_anisotrop.pdbx_auth_atom_id 
1   N N    . MET A 1 ? 0.3299 0.3716 0.2455 -0.0166 0.0031  -0.0358 1   MET AAA N    
2   C CA   . MET A 1 ? 0.2967 0.1369 0.1214 -0.0502 0.0949  0.0143  1   MET AAA CA   
3   C C    . MET A 1 ? 0.1559 0.0469 0.1772 -0.0698 -0.0062 -0.0104 1   MET AAA C    
4   O O    . MET A 1 ? 0.2524 0.0557 0.2879 -0.1107 0.0168  -0.0102 1   MET AAA O    
5   C CB   . MET A 1 ? 0.2441 0.1088 0.3151 -0.0780 0.0524  0.0469  1   MET AAA CB   
6   C CG   . MET A 1 ? 0.4464 0.3085 0.3971 -0.0546 0.1672  -0.0564 1   MET AAA CG   
7   S SD   . MET A 1 ? 0.4340 0.4970 0.3241 -0.0312 0.0983  -0.1239 1   MET AAA SD   
8   C CE   . MET A 1 ? 0.6244 0.1444 0.4522 -0.0491 0.0772  -0.2277 1   MET AAA CE   
9   H H1   . MET A 1 ? 0.3295 0.3676 0.2080 -0.0051 0.0326  -0.0269 1   MET AAA H1   
10  H H2   . MET A 1 ? 0.3550 0.2852 0.2127 -0.0269 0.0168  -0.0157 1   MET AAA H2   
11  H H3   . MET A 1 ? 0.3267 0.2929 0.2264 -0.0253 0.0372  -0.0044 1   MET AAA H3   
12  H HA   . MET A 1 ? 0.2489 0.1367 0.1924 -0.0595 0.0530  -0.0078 1   MET AAA HA   
13  H HB2  . MET A 1 ? 0.2935 0.1154 0.2611 -0.0795 0.0841  0.0345  1   MET AAA HB2  
14  H HB3  . MET A 1 ? 0.2790 0.1528 0.2562 -0.0682 0.0678  0.0185  1   MET AAA HB3  
15  H HG2  . MET A 1 ? 0.3715 0.2964 0.3571 -0.0432 0.1033  -0.0563 1   MET AAA HG2  
16  H HG3  . MET A 1 ? 0.3999 0.2696 0.4235 -0.0609 0.1531  -0.0507 1   MET AAA HG3  
17  H HE1  . MET A 1 ? 0.6155 0.2206 0.4269 -0.0485 0.0645  -0.2004 1   MET AAA HE1  
18  H HE2  . MET A 1 ? 0.5854 0.2235 0.4241 -0.0418 0.0869  -0.1915 1   MET AAA HE2  
19  H HE3  . MET A 1 ? 0.5798 0.1545 0.4126 -0.0380 0.0825  -0.2240 1   MET AAA HE3  
20  N N    . TYR A 2 ? 0.1542 0.0426 0.1922 -0.0401 0.0126  -0.0025 2   TYR AAA N    
21  C CA   . TYR A 2 ? 0.0876 0.0263 0.1601 -0.0249 0.0210  0.0100  2   TYR AAA CA   
22  C C    . TYR A 2 ? 0.0925 0.0269 0.1686 -0.0229 0.0178  0.0036  2   TYR AAA C    
23  O O    . TYR A 2 ? 0.1744 0.1135 0.2371 -0.0443 -0.0245 -0.0315 2   TYR AAA O    
24  C CB   . TYR A 2 ? 0.1200 0.0542 0.2048 -0.0595 -0.0236 -0.0115 2   TYR AAA CB   
25  C CG   . TYR A 2 ? 0.1289 0.0845 0.1486 -0.0190 -0.0352 -0.0114 2   TYR AAA CG   
26  C CD1  . TYR A 2 ? 0.1342 0.1084 0.1194 -0.0297 -0.0279 -0.0377 2   TYR AAA CD1  
27  C CD2  . TYR A 2 ? 0.1636 0.0712 0.2043 -0.0587 0.0226  -0.0085 2   TYR AAA CD2  
28  C CE1  . TYR A 2 ? 0.1754 0.0837 0.1449 -0.0302 -0.0318 0.0041  2   TYR AAA CE1  
29  C CE2  . TYR A 2 ? 0.0703 0.1366 0.2250 -0.0073 0.0313  0.0426  2   TYR AAA CE2  
30  C CZ   . TYR A 2 ? 0.1261 0.0886 0.1423 -0.0333 -0.0433 -0.0096 2   TYR AAA CZ   
31  O OH   . TYR A 2 ? 0.1866 0.1970 0.2673 0.0579  -0.0470 -0.0720 2   TYR AAA OH   
32  H H    . TYR A 2 ? 0.1403 0.0476 0.1791 -0.0400 0.0142  -0.0001 2   TYR AAA H    
33  H HA   . TYR A 2 ? 0.1044 0.0223 0.1633 -0.0322 0.0197  0.0088  2   TYR AAA HA   
34  H HB2  . TYR A 2 ? 0.1176 0.0539 0.1805 -0.0343 -0.0103 -0.0073 2   TYR AAA HB2  
35  H HB3  . TYR A 2 ? 0.1125 0.0559 0.1967 -0.0376 -0.0108 -0.0010 2   TYR AAA HB3  
36  H HD1  . TYR A 2 ? 0.1340 0.0962 0.1258 -0.0246 -0.0204 -0.0240 2   TYR AAA HD1  
37  H HD2  . TYR A 2 ? 0.1331 0.0892 0.1867 -0.0345 0.0052  0.0010  2   TYR AAA HD2  
38  H HE1  . TYR A 2 ? 0.1530 0.0837 0.1353 -0.0319 -0.0271 -0.0029 2   TYR AAA HE1  
39  H HE2  . TYR A 2 ? 0.1030 0.1061 0.1858 -0.0236 0.0140  0.0114  2   TYR AAA HE2  
40  N N    . ASN A 3 ? 0.1330 0.0488 0.1572 -0.0298 0.0086  0.0030  3   ASN AAA N    
41  C CA   . ASN A 3 ? 0.1211 0.0366 0.1153 -0.0586 0.0056  -0.0068 3   ASN AAA CA   
42  C C    . ASN A 3 ? 0.0826 0.0277 0.1227 -0.0365 -0.0021 -0.0029 3   ASN AAA C    
43  O O    . ASN A 3 ? 0.2165 0.0710 0.2825 -0.1023 -0.0006 -0.0646 3   ASN AAA O    
44  C CB   . ASN A 3 ? 0.0941 0.0377 0.1372 -0.0434 -0.0306 -0.0157 3   ASN AAA CB   
45  C CG   . ASN A 3 ? 0.1850 0.0678 0.1462 -0.0994 0.0032  0.0096  3   ASN AAA CG   
46  O OD1  . ASN A 3 ? 0.1825 0.1154 0.1771 -0.0784 -0.0336 0.0051  3   ASN AAA OD1  
47  N ND2  . ASN A 3 ? 0.2333 0.2029 0.1767 -0.0779 -0.0289 -0.0387 3   ASN AAA ND2  
48  H H    . ASN A 3 ? 0.1238 0.0384 0.1618 -0.0335 0.0124  0.0037  3   ASN AAA H    
49  H HA   . ASN A 3 ? 0.1013 0.0364 0.1193 -0.0496 -0.0115 -0.0141 3   ASN AAA HA   
50  H HB2  . ASN A 3 ? 0.1150 0.0476 0.1255 -0.0578 -0.0244 -0.0162 3   ASN AAA HB2  
51  H HB3  . ASN A 3 ? 0.1145 0.0312 0.1334 -0.0478 -0.0150 -0.0162 3   ASN AAA HB3  
52  H HD21 . ASN A 3 ? 0.2172 0.1452 0.1726 -0.0634 -0.0302 -0.0321 3   ASN AAA HD21 
53  H HD22 . ASN A 3 ? 0.2141 0.1507 0.1553 -0.0597 -0.0136 -0.0186 3   ASN AAA HD22 
54  N N    . LYS A 4 ? 0.0963 0.0389 0.1238 -0.0357 0.0008  -0.0120 4   LYS AAA N    
55  C CA   . LYS A 4 ? 0.0418 0.0456 0.1417 -0.0316 -0.0241 -0.0134 4   LYS AAA CA   
56  C C    . LYS A 4 ? 0.0716 0.0248 0.1206 -0.0289 -0.0057 -0.0218 4   LYS AAA C    
57  O O    . LYS A 4 ? 0.1379 0.0400 0.2431 -0.0557 -0.0383 -0.0305 4   LYS AAA O    
58  C CB   . LYS A 4 ? 0.0744 0.0755 0.1431 -0.0498 -0.0151 0.0056  4   LYS AAA CB   
59  C CG   . LYS A 4 ? 0.0514 0.2307 0.2279 0.0294  0.0011  -0.0103 4   LYS AAA CG   
60  C CD   . LYS A 4 ? 0.1629 0.2252 0.2729 0.0634  -0.0208 0.0010  4   LYS AAA CD   
61  C CE   . LYS A 4 ? 0.1261 0.0561 0.3908 -0.0370 0.0041  0.0384  4   LYS AAA CE   
62  N NZ   . LYS A 4 ? 0.2192 0.5674 0.2834 -0.0826 0.0501  -0.0059 4   LYS AAA NZ   
63  H H    . LYS A 4 ? 0.0830 0.0392 0.1258 -0.0315 -0.0042 -0.0094 4   LYS AAA H    
64  H HA   . LYS A 4 ? 0.0532 0.0576 0.1322 -0.0436 -0.0201 -0.0160 4   LYS AAA HA   
65  H HB2  . LYS A 4 ? 0.0570 0.0767 0.1513 -0.0377 -0.0165 -0.0095 4   LYS AAA HB2  
66  H HB3  . LYS A 4 ? 0.0596 0.0854 0.1530 -0.0317 -0.0151 -0.0065 4   LYS AAA HB3  
67  H HG2  . LYS A 4 ? 0.0746 0.1781 0.2203 0.0042  -0.0036 0.0248  4   LYS AAA HG2  
68  H HG3  . LYS A 4 ? 0.0806 0.1818 0.2116 0.0039  -0.0049 0.0006  4   LYS AAA HG3  
69  H HD2  . LYS A 4 ? 0.1338 0.1955 0.2927 0.0378  -0.0086 0.0108  4   LYS AAA HD2  
70  H HD3  . LYS A 4 ? 0.1741 0.1997 0.2912 0.0554  -0.0185 0.0030  4   LYS AAA HD3  
71  H HE2  . LYS A 4 ? 0.1559 0.1716 0.3725 -0.0208 0.0112  0.0128  4   LYS AAA HE2  
72  H HE3  . LYS A 4 ? 0.1509 0.1159 0.3462 -0.0420 -0.0038 -0.0142 4   LYS AAA HE3  
73  H HZ1  . LYS A 4 ? 0.1568 0.3084 0.2928 -0.0809 0.0238  0.0136  4   LYS AAA HZ1  
74  H HZ2  . LYS A 4 ? 0.2350 0.3586 0.2994 -0.1442 0.0491  -0.0014 4   LYS AAA HZ2  
75  H HZ3  . LYS A 4 ? 0.1558 0.4989 0.3032 -0.0374 0.0324  0.0619  4   LYS AAA HZ3  
76  N N    . PHE A 5 ? 0.0776 0.0506 0.1118 -0.0465 -0.0114 -0.0065 5   PHE AAA N    
77  C CA   . PHE A 5 ? 0.0563 0.0507 0.0881 -0.0448 0.0020  -0.0201 5   PHE AAA CA   
78  C C    . PHE A 5 ? 0.0557 0.0089 0.0674 -0.0106 -0.0045 0.0029  5   PHE AAA C    
79  O O    . PHE A 5 ? 0.1348 0.0287 0.1295 -0.0508 0.0048  -0.0164 5   PHE AAA O    
80  C CB   . PHE A 5 ? 0.0836 0.0303 0.0911 -0.0419 -0.0051 -0.0027 5   PHE AAA CB   
81  C CG   . PHE A 5 ? 0.0908 0.0269 0.1083 -0.0413 -0.0123 -0.0010 5   PHE AAA CG   
82  C CD1  . PHE A 5 ? 0.0778 0.0234 0.1168 -0.0321 -0.0123 0.0022  5   PHE AAA CD1  
83  C CD2  . PHE A 5 ? 0.1028 0.0668 0.1123 -0.0416 -0.0179 -0.0047 5   PHE AAA CD2  
84  C CE1  . PHE A 5 ? 0.0924 0.0300 0.1335 -0.0307 -0.0130 0.0273  5   PHE AAA CE1  
85  C CE2  . PHE A 5 ? 0.1157 0.0682 0.1091 -0.0320 -0.0138 0.0089  5   PHE AAA CE2  
86  C CZ   . PHE A 5 ? 0.1022 0.0504 0.1254 -0.0234 -0.0146 0.0229  5   PHE AAA CZ   
87  H H    . PHE A 5 ? 0.0734 0.0455 0.1091 -0.0362 -0.0038 -0.0106 5   PHE AAA H    
88  H HA   . PHE A 5 ? 0.0743 0.0347 0.0910 -0.0300 -0.0043 -0.0141 5   PHE AAA HA   
89  H HB2  . PHE A 5 ? 0.0807 0.0310 0.0923 -0.0382 -0.0040 -0.0102 5   PHE AAA HB2  
90  H HB3  . PHE A 5 ? 0.0894 0.0277 0.0929 -0.0333 -0.0061 -0.0127 5   PHE AAA HB3  
91  H HD1  . PHE A 5 ? 0.0839 0.0276 0.1145 -0.0354 -0.0129 0.0031  5   PHE AAA HD1  
92  H HD2  . PHE A 5 ? 0.1047 0.0599 0.1123 -0.0377 -0.0164 0.0024  5   PHE AAA HD2  
93  H HE1  . PHE A 5 ? 0.0944 0.0420 0.1266 -0.0288 -0.0139 0.0198  5   PHE AAA HE1  
94  H HE2  . PHE A 5 ? 0.1075 0.0619 0.1146 -0.0332 -0.0141 0.0065  5   PHE AAA HE2  
95  H HZ   . PHE A 5 ? 0.0991 0.0465 0.1243 -0.0253 -0.0133 0.0191  5   PHE AAA HZ   
96  N N    . VAL A 6 ? 0.0824 0.0385 0.0860 -0.0236 -0.0114 -0.0231 6   VAL AAA N    
97  C CA   . VAL A 6 ? 0.0684 0.0369 0.0747 -0.0279 -0.0247 -0.0222 6   VAL AAA CA   
98  C C    . VAL A 6 ? 0.0659 0.0238 0.0603 -0.0293 -0.0198 -0.0015 6   VAL AAA C    
99  O O    . VAL A 6 ? 0.1263 0.0381 0.1566 -0.0572 -0.0371 -0.0055 6   VAL AAA O    
100 C CB   . VAL A 6 ? 0.0799 0.0435 0.0595 -0.0310 -0.0160 -0.0179 6   VAL AAA CB   
101 C CG1  . VAL A 6 ? 0.0804 0.0382 0.0414 -0.0311 -0.0282 -0.0096 6   VAL AAA CG1  
102 C CG2  . VAL A 6 ? 0.0880 0.0274 0.0826 -0.0283 -0.0330 0.0000  6   VAL AAA CG2  
103 H H    . VAL A 6 ? 0.0748 0.0294 0.0739 -0.0148 -0.0128 -0.0182 6   VAL AAA H    
104 H HA   . VAL A 6 ? 0.0553 0.0540 0.0657 -0.0321 -0.0279 -0.0158 6   VAL AAA HA   
105 H HB   . VAL A 6 ? 0.0770 0.0454 0.0607 -0.0287 -0.0252 -0.0159 6   VAL AAA HB   
106 H HG11 . VAL A 6 ? 0.0827 0.0444 0.0458 -0.0265 -0.0260 -0.0145 6   VAL AAA HG11 
107 H HG12 . VAL A 6 ? 0.0791 0.0361 0.0458 -0.0274 -0.0271 -0.0103 6   VAL AAA HG12 
108 H HG13 . VAL A 6 ? 0.0766 0.0420 0.0475 -0.0285 -0.0277 -0.0152 6   VAL AAA HG13 
109 H HG21 . VAL A 6 ? 0.0905 0.0370 0.0705 -0.0231 -0.0300 -0.0119 6   VAL AAA HG21 
110 H HG22 . VAL A 6 ? 0.0876 0.0334 0.0720 -0.0269 -0.0283 -0.0078 6   VAL AAA HG22 
111 H HG23 . VAL A 6 ? 0.0895 0.0329 0.0736 -0.0248 -0.0282 -0.0100 6   VAL AAA HG23 
112 N N    . ASN A 7 ? 0.0697 0.0556 0.0977 -0.0324 -0.0162 -0.0081 7   ASN AAA N    
113 C CA   . ASN A 7 ? 0.0678 0.0447 0.0675 -0.0360 -0.0188 -0.0201 7   ASN AAA CA   
114 C C    . ASN A 7 ? 0.0653 0.0227 0.0810 -0.0267 -0.0184 -0.0077 7   ASN AAA C    
115 O O    . ASN A 7 ? 0.1673 0.0386 0.1751 -0.0659 -0.0191 -0.0210 7   ASN AAA O    
116 C CB   . ASN A 7 ? 0.0715 0.0392 0.0753 -0.0373 -0.0255 -0.0113 7   ASN AAA CB   
117 C CG   . ASN A 7 ? 0.0756 0.0504 0.0680 -0.0390 -0.0365 0.0009  7   ASN AAA CG   
118 O OD1  . ASN A 7 ? 0.1420 0.0512 0.1458 -0.0573 -0.0408 -0.0184 7   ASN AAA OD1  
119 N ND2  . ASN A 7 ? 0.1441 0.0495 0.1064 -0.0153 -0.0199 -0.0119 7   ASN AAA ND2  
120 H H    . ASN A 7 ? 0.0690 0.0534 0.0776 -0.0263 -0.0179 -0.0085 7   ASN AAA H    
121 H HA   . ASN A 7 ? 0.0625 0.0547 0.0758 -0.0374 -0.0244 -0.0213 7   ASN AAA HA   
122 H HB2  . ASN A 7 ? 0.0654 0.0703 0.0693 -0.0381 -0.0316 -0.0220 7   ASN AAA HB2  
123 H HB3  . ASN A 7 ? 0.0695 0.0451 0.0704 -0.0358 -0.0271 -0.0156 7   ASN AAA HB3  
124 H HD21 . ASN A 7 ? 0.1163 0.0518 0.1059 -0.0255 -0.0242 -0.0127 7   ASN AAA HD21 
125 H HD22 . ASN A 7 ? 0.1156 0.0492 0.0942 -0.0246 -0.0265 -0.0123 7   ASN AAA HD22 
126 N N    . PHE A 8 ? 0.0932 0.0477 0.1120 -0.0492 -0.0003 -0.0367 8   PHE AAA N    
127 C CA   . PHE A 8 ? 0.1000 0.0309 0.0852 -0.0460 -0.0070 -0.0101 8   PHE AAA CA   
128 C C    . PHE A 8 ? 0.0780 0.0383 0.0987 -0.0438 0.0081  -0.0277 8   PHE AAA C    
129 O O    . PHE A 8 ? 0.1396 0.0408 0.1726 -0.0633 -0.0189 -0.0191 8   PHE AAA O    
130 C CB   . PHE A 8 ? 0.1032 0.0241 0.0807 -0.0413 -0.0066 -0.0022 8   PHE AAA CB   
131 C CG   . PHE A 8 ? 0.0995 0.0318 0.0616 -0.0318 0.0030  -0.0116 8   PHE AAA CG   
132 C CD1  . PHE A 8 ? 0.1077 0.0547 0.0736 -0.0179 0.0091  0.0056  8   PHE AAA CD1  
133 C CD2  . PHE A 8 ? 0.1133 0.0321 0.0986 -0.0460 -0.0249 0.0029  8   PHE AAA CD2  
134 C CE1  . PHE A 8 ? 0.1242 0.0917 0.1051 0.0005  -0.0163 -0.0016 8   PHE AAA CE1  
135 C CE2  . PHE A 8 ? 0.1239 0.0577 0.1134 -0.0227 -0.0245 0.0010  8   PHE AAA CE2  
136 C CZ   . PHE A 8 ? 0.1116 0.0623 0.0861 0.0356  -0.0336 -0.0042 8   PHE AAA CZ   
137 H H    . PHE A 8 ? 0.0843 0.0347 0.0890 -0.0391 -0.0090 -0.0225 8   PHE AAA H    
138 H HA   . PHE A 8 ? 0.0941 0.0315 0.0914 -0.0444 0.0119  0.0079  8   PHE AAA HA   
139 H HB2  . PHE A 8 ? 0.1024 0.0231 0.0795 -0.0396 -0.0015 0.0016  8   PHE AAA HB2  
140 H HB3  . PHE A 8 ? 0.1039 0.0244 0.0796 -0.0390 -0.0058 -0.0067 8   PHE AAA HB3  
141 H HD1  . PHE A 8 ? 0.1088 0.0502 0.0729 -0.0194 0.0025  0.0033  8   PHE AAA HD1  
142 H HD2  . PHE A 8 ? 0.1159 0.0375 0.0896 -0.0315 -0.0165 -0.0038 8   PHE AAA HD2  
143 H HE1  . PHE A 8 ? 0.1252 0.0694 0.0924 0.0032  -0.0165 -0.0029 8   PHE AAA HE1  
144 H HE2  . PHE A 8 ? 0.1167 0.0551 0.0992 -0.0118 -0.0250 -0.0013 8   PHE AAA HE2  
145 H HZ   . PHE A 8 ? 0.1021 0.0489 0.0950 0.0245  -0.0284 -0.0002 8   PHE AAA HZ   
146 N N    . ILE A 9 ? 0.1120 0.0475 0.1536 -0.0572 -0.0248 -0.0251 9   ILE AAA N    
147 C CA   . ILE A 9 ? 0.1629 0.0302 0.1329 -0.0531 -0.0531 -0.0061 9   ILE AAA CA   
148 C C    . ILE A 9 ? 0.1820 0.0924 0.2135 0.0028  -0.0253 0.0457  9   ILE AAA C    
149 O O    . ILE A 9 ? 0.3567 0.2481 0.3412 -0.0889 0.1479  -0.0839 9   ILE AAA O    
150 C CB   . ILE A 9 ? 0.1320 0.0490 0.1250 -0.0328 -0.0199 -0.0054 9   ILE AAA CB   
151 C CG1  . ILE A 9 ? 0.1238 0.0777 0.1296 0.0025  -0.0131 0.0010  9   ILE AAA CG1  
152 C CG2  . ILE A 9 ? 0.1185 0.0521 0.1184 -0.0445 -0.0138 0.0001  9   ILE AAA CG2  
153 C CD1  . ILE A 9 ? 0.1176 0.1209 0.1434 0.0129  -0.0045 -0.0231 9   ILE AAA CD1  
154 O OXT  . ILE A 9 ? 0.3827 0.1315 0.4898 -0.1134 -0.0056 -0.0739 9   ILE AAA OXT  
155 H H    . ILE A 9 ? 0.1238 0.0283 0.1280 -0.0363 -0.0180 -0.0231 9   ILE AAA H    
156 H HA   . ILE A 9 ? 0.1523 0.0228 0.1438 -0.0401 -0.0335 -0.0174 9   ILE AAA HA   
157 H HB   . ILE A 9 ? 0.1352 0.0477 0.1241 -0.0296 -0.0238 -0.0074 9   ILE AAA HB   
158 H HG12 . ILE A 9 ? 0.1236 0.0822 0.1302 -0.0024 -0.0128 -0.0057 9   ILE AAA HG12 
159 H HG13 . ILE A 9 ? 0.1177 0.0746 0.1297 0.0002  -0.0138 -0.0049 9   ILE AAA HG13 
160 H HG21 . ILE A 9 ? 0.1136 0.0524 0.1190 -0.0398 -0.0133 -0.0037 9   ILE AAA HG21 
161 H HG22 . ILE A 9 ? 0.1210 0.0541 0.1159 -0.0386 -0.0132 -0.0022 9   ILE AAA HG22 
162 H HG23 . ILE A 9 ? 0.1245 0.0551 0.1214 -0.0360 -0.0158 -0.0034 9   ILE AAA HG23 
163 H HD11 . ILE A 9 ? 0.1260 0.1099 0.1390 0.0130  -0.0055 -0.0145 9   ILE AAA HD11 
164 H HD12 . ILE A 9 ? 0.1171 0.1074 0.1366 0.0107  -0.0035 -0.0174 9   ILE AAA HD12 
165 H HD13 . ILE A 9 ? 0.1210 0.1176 0.1414 0.0057  -0.0041 -0.0212 9   ILE AAA HD13 
166 O O    . HOH B . ? 0.3330 0.5088 0.4251 0.0660  -0.0735 0.0968  101 HOH AAA O    
167 O O    . HOH B . ? 0.1922 0.1964 0.1484 0.0127  0.0199  -0.0224 102 HOH AAA O    
168 O O    . HOH B . ? 0.4813 0.4526 0.3431 0.0623  0.0065  0.0099  103 HOH AAA O    
169 O O    . HOH B . ? 0.2058 0.1578 0.1564 -0.0663 0.0216  -0.0055 104 HOH AAA O    
# 
